data_4ETP
#
_entry.id   4ETP
#
_cell.length_a   88.060
_cell.length_b   94.939
_cell.length_c   114.590
_cell.angle_alpha   90.00
_cell.angle_beta   90.00
_cell.angle_gamma   90.00
#
_symmetry.space_group_name_H-M   'P 21 21 21'
#
loop_
_entity.id
_entity.type
_entity.pdbx_description
1 polymer 'Kinesin-like protein KAR3'
2 polymer 'Spindle pole body-associated protein VIK1'
3 non-polymer "ADENOSINE-5'-DIPHOSPHATE"
4 non-polymer 'MAGNESIUM ION'
5 non-polymer GLYCEROL
6 non-polymer "N,N'-ethane-1,2-diylbis(2-iodoacetamide)"
7 water water
#
loop_
_entity_poly.entity_id
_entity_poly.type
_entity_poly.pdbx_seq_one_letter_code
_entity_poly.pdbx_strand_id
1 'polypeptide(L)'
;GASKIAALKEKIAALKEKIAALKEKIKDTELGMKELNEILIKEETVRRTLHNELQELRGNIRVYLRIRPALKNLENSDTS
LINVNEFDDNSGVQSMEVTKIQNTAQVHEFKFDKIFDQQDTNVDVFKEVGQLVQSSLDGYNVAIFAYGQTGSGKTFTMLN
PGDGIIPSTISHIFNWINKLKTKGWDYKVNAEFIEIYNENIVDLLRSDNNNKEDTSIGLKHEIRHDQETKTTTITNVTSV
KLESEEMVEIILKKANKLRSTASTASNEHSSRSHSIFIIHLSGSNAKTGAHSYGTLNLVDLAGSERINVSQVVGDRLRET
QNINKSLSALGDVIHALGQPDSTKRHIPFRNSKLTYLLQYSLTGDSKTLMFVNISPSSSHINETLNSLRFASKVNSTRLV
SRK
;
A
2 'polypeptide(L)'
;GASEIAALEKEIAALEKEIAALEKEISKQEKFYNDTYNTVCKELLRSRRLENSIIEQKGTMRVYAYVMEQNLPENLLFDY
ENGVITQGLSEHVYKFNRVIPHLKVSEDCFFTQEYSVYHDMALNQKKNFNLISLSTTPHGSLRESLIKFLAEKDTIYQKQ
YVITLQFVFLSDDEFSQDMLLDYSHNDKDSIKLKFEKHSISLDSKLVIIENGLEDLPLNFSADEHPNLPHSGMGIIKVQF
FPRDSKSDGNNDPVPVDFYFIELNNLKSIEQFDKSIFKKESAETPIALVLKKLISDTKSFFLLNLNDSKNVNKLLTISEE
VQTQLAKRKKKLT
;
B
#
loop_
_chem_comp.id
_chem_comp.type
_chem_comp.name
_chem_comp.formula
ADP non-polymer ADENOSINE-5'-DIPHOSPHATE 'C10 H15 N5 O10 P2'
EBC non-polymer N,N'-ethane-1,2-diylbis(2-iodoacetamide) 'C6 H10 I2 N2 O2'
GOL non-polymer GLYCEROL 'C3 H8 O3'
MG non-polymer 'MAGNESIUM ION' 'Mg 2'
#
# COMPACT_ATOMS: atom_id res chain seq x y z
N ILE A 5 -24.99 20.76 -60.47
CA ILE A 5 -26.19 20.58 -59.59
C ILE A 5 -25.89 21.06 -58.16
N ALA A 6 -26.81 21.85 -57.61
CA ALA A 6 -26.69 22.42 -56.27
C ALA A 6 -26.60 21.35 -55.16
N ALA A 7 -27.18 20.19 -55.43
CA ALA A 7 -27.14 19.04 -54.52
C ALA A 7 -25.70 18.56 -54.26
N LEU A 8 -24.92 18.49 -55.33
CA LEU A 8 -23.50 18.15 -55.25
C LEU A 8 -22.73 19.27 -54.57
N LYS A 9 -23.09 20.51 -54.89
CA LYS A 9 -22.47 21.71 -54.32
C LYS A 9 -22.71 21.81 -52.81
N GLU A 10 -23.86 21.31 -52.36
CA GLU A 10 -24.19 21.25 -50.94
C GLU A 10 -23.51 20.04 -50.28
N LYS A 11 -23.26 19.00 -51.06
CA LYS A 11 -22.59 17.79 -50.57
C LYS A 11 -21.11 18.04 -50.27
N ILE A 12 -20.44 18.79 -51.17
CA ILE A 12 -19.05 19.19 -50.97
C ILE A 12 -18.87 20.00 -49.68
N ALA A 13 -19.76 20.97 -49.46
CA ALA A 13 -19.73 21.82 -48.28
C ALA A 13 -19.81 21.01 -46.98
N ALA A 14 -20.70 20.01 -46.96
CA ALA A 14 -20.87 19.13 -45.81
C ALA A 14 -19.65 18.25 -45.55
N LEU A 15 -18.98 17.84 -46.62
CA LEU A 15 -17.78 17.02 -46.53
C LEU A 15 -16.59 17.83 -46.01
N LYS A 16 -16.43 19.05 -46.54
CA LYS A 16 -15.38 19.98 -46.10
C LYS A 16 -15.57 20.42 -44.65
N GLU A 17 -16.84 20.49 -44.22
CA GLU A 17 -17.20 20.79 -42.84
C GLU A 17 -16.87 19.60 -41.93
N LYS A 18 -17.10 18.39 -42.43
CA LYS A 18 -16.80 17.16 -41.70
C LYS A 18 -15.29 16.97 -41.52
N ILE A 19 -14.53 17.33 -42.56
CA ILE A 19 -13.06 17.31 -42.52
C ILE A 19 -12.51 18.14 -41.36
N ALA A 20 -12.99 19.39 -41.25
CA ALA A 20 -12.57 20.29 -40.20
C ALA A 20 -13.00 19.81 -38.82
N ALA A 21 -14.13 19.09 -38.77
CA ALA A 21 -14.65 18.52 -37.53
C ALA A 21 -13.81 17.33 -37.05
N LEU A 22 -13.34 16.53 -38.00
CA LEU A 22 -12.51 15.37 -37.69
C LEU A 22 -11.08 15.76 -37.31
N LYS A 23 -10.54 16.78 -37.97
CA LYS A 23 -9.20 17.31 -37.68
C LYS A 23 -9.14 17.93 -36.29
N GLU A 24 -10.22 18.60 -35.90
CA GLU A 24 -10.34 19.18 -34.56
C GLU A 24 -10.51 18.11 -33.48
N LYS A 25 -11.17 17.02 -33.84
CA LYS A 25 -11.33 15.88 -32.93
C LYS A 25 -9.96 15.26 -32.60
N ILE A 26 -9.12 15.09 -33.63
CA ILE A 26 -7.76 14.59 -33.47
C ILE A 26 -6.94 15.49 -32.53
N LYS A 27 -7.00 16.80 -32.79
CA LYS A 27 -6.28 17.78 -31.98
C LYS A 27 -6.75 17.79 -30.52
N ASP A 28 -8.06 17.61 -30.33
CA ASP A 28 -8.65 17.58 -28.98
C ASP A 28 -8.21 16.33 -28.22
N THR A 29 -8.21 15.19 -28.91
CA THR A 29 -7.82 13.91 -28.33
C THR A 29 -6.33 13.91 -27.95
N GLU A 30 -5.49 14.53 -28.79
CA GLU A 30 -4.07 14.72 -28.49
C GLU A 30 -3.89 15.54 -27.22
N LEU A 31 -4.68 16.60 -27.08
CA LEU A 31 -4.67 17.46 -25.91
C LEU A 31 -5.13 16.72 -24.66
N GLY A 32 -6.20 15.94 -24.80
CA GLY A 32 -6.73 15.12 -23.72
C GLY A 32 -5.72 14.09 -23.21
N MET A 33 -5.08 13.40 -24.14
CA MET A 33 -4.03 12.42 -23.83
C MET A 33 -2.83 13.07 -23.14
N LYS A 34 -2.42 14.23 -23.64
CA LYS A 34 -1.37 15.03 -23.02
C LYS A 34 -1.71 15.33 -21.56
N GLU A 35 -2.97 15.71 -21.31
CA GLU A 35 -3.45 15.99 -19.96
C GLU A 35 -3.52 14.73 -19.09
N LEU A 36 -3.96 13.62 -19.67
CA LEU A 36 -3.99 12.35 -18.95
C LEU A 36 -2.59 11.90 -18.55
N ASN A 37 -1.63 12.10 -19.44
CA ASN A 37 -0.25 11.73 -19.20
C ASN A 37 0.44 12.60 -18.14
N GLU A 38 0.03 13.86 -18.04
CA GLU A 38 0.53 14.74 -16.99
C GLU A 38 -0.01 14.34 -15.61
N ILE A 39 -1.24 13.83 -15.59
CA ILE A 39 -1.83 13.27 -14.37
C ILE A 39 -1.04 12.02 -13.94
N LEU A 40 -0.74 11.14 -14.89
CA LEU A 40 0.08 9.95 -14.63
C LEU A 40 1.45 10.29 -14.08
N ILE A 41 2.13 11.25 -14.71
CA ILE A 41 3.45 11.69 -14.28
C ILE A 41 3.40 12.29 -12.87
N LYS A 42 2.41 13.14 -12.62
CA LYS A 42 2.19 13.73 -11.29
C LYS A 42 1.83 12.68 -10.24
N GLU A 43 1.01 11.70 -10.62
CA GLU A 43 0.53 10.68 -9.69
C GLU A 43 1.64 9.75 -9.19
N GLU A 44 2.64 9.51 -10.03
CA GLU A 44 3.82 8.75 -9.64
C GLU A 44 4.58 9.45 -8.49
N THR A 45 4.66 10.78 -8.56
CA THR A 45 5.30 11.58 -7.51
C THR A 45 4.48 11.53 -6.22
N VAL A 46 3.16 11.63 -6.36
CA VAL A 46 2.22 11.50 -5.25
C VAL A 46 2.37 10.12 -4.57
N ARG A 47 2.44 9.07 -5.39
CA ARG A 47 2.57 7.70 -4.89
C ARG A 47 3.83 7.53 -4.03
N ARG A 48 4.95 8.08 -4.49
CA ARG A 48 6.23 8.00 -3.75
C ARG A 48 6.09 8.57 -2.34
N THR A 49 5.46 9.75 -2.26
CA THR A 49 5.23 10.45 -0.99
C THR A 49 4.33 9.63 -0.07
N LEU A 50 3.21 9.14 -0.60
CA LEU A 50 2.27 8.34 0.19
C LEU A 50 2.89 7.01 0.65
N HIS A 51 3.62 6.35 -0.26
CA HIS A 51 4.28 5.09 0.05
C HIS A 51 5.26 5.24 1.19
N ASN A 52 6.06 6.31 1.17
CA ASN A 52 7.03 6.54 2.25
C ASN A 52 6.37 6.82 3.59
N GLU A 53 5.27 7.56 3.58
CA GLU A 53 4.50 7.82 4.79
C GLU A 53 4.03 6.50 5.42
N LEU A 54 3.53 5.59 4.58
CA LEU A 54 3.07 4.29 5.05
C LEU A 54 4.23 3.49 5.64
N GLN A 55 5.38 3.54 4.98
CA GLN A 55 6.58 2.85 5.44
C GLN A 55 7.05 3.36 6.79
N GLU A 56 6.97 4.67 6.99
CA GLU A 56 7.31 5.28 8.29
C GLU A 56 6.38 4.76 9.38
N LEU A 57 5.08 4.81 9.11
CA LEU A 57 4.05 4.35 10.06
C LEU A 57 4.18 2.87 10.42
N ARG A 58 4.60 2.06 9.45
CA ARG A 58 4.84 0.64 9.68
C ARG A 58 6.21 0.38 10.32
N GLY A 59 7.04 1.42 10.39
CA GLY A 59 8.34 1.33 11.03
C GLY A 59 9.50 1.26 10.06
N ASN A 60 10.49 2.14 10.25
CA ASN A 60 11.73 2.15 9.48
CA ASN A 60 11.69 2.10 9.42
C ASN A 60 12.64 0.97 9.84
N ILE A 61 12.37 0.37 11.00
CA ILE A 61 13.07 -0.83 11.44
C ILE A 61 12.04 -1.90 11.76
N ARG A 62 12.10 -3.03 11.05
CA ARG A 62 11.15 -4.12 11.23
C ARG A 62 11.86 -5.43 11.47
N VAL A 63 11.23 -6.31 12.25
CA VAL A 63 11.78 -7.62 12.55
C VAL A 63 10.78 -8.71 12.19
N TYR A 64 11.14 -9.56 11.23
CA TYR A 64 10.30 -10.70 10.85
C TYR A 64 10.94 -12.02 11.30
N LEU A 65 10.13 -12.88 11.89
CA LEU A 65 10.55 -14.25 12.17
C LEU A 65 10.09 -15.14 11.03
N ARG A 66 10.98 -16.03 10.59
CA ARG A 66 10.57 -17.05 9.63
C ARG A 66 10.92 -18.45 10.09
N ILE A 67 9.89 -19.26 10.30
CA ILE A 67 10.05 -20.66 10.64
C ILE A 67 9.95 -21.47 9.35
N ARG A 68 11.04 -22.10 8.97
CA ARG A 68 11.07 -22.93 7.78
C ARG A 68 10.34 -24.26 8.06
N PRO A 69 9.94 -24.98 7.00
CA PRO A 69 9.39 -26.32 7.18
C PRO A 69 10.39 -27.25 7.86
N ALA A 70 9.88 -28.20 8.64
CA ALA A 70 10.69 -29.25 9.24
C ALA A 70 11.37 -30.09 8.16
N LEU A 71 12.55 -30.61 8.46
CA LEU A 71 13.29 -31.45 7.53
C LEU A 71 13.43 -32.88 8.07
N LYS A 72 12.74 -33.82 7.44
CA LYS A 72 12.95 -35.24 7.74
C LYS A 72 14.04 -35.79 6.81
N ASN A 73 14.95 -36.61 7.34
CA ASN A 73 15.04 -36.93 8.76
C ASN A 73 16.32 -36.32 9.34
N LEU A 74 16.55 -35.05 9.02
CA LEU A 74 17.79 -34.37 9.40
C LEU A 74 17.69 -33.71 10.76
N GLU A 75 16.49 -33.73 11.33
CA GLU A 75 16.21 -33.15 12.65
C GLU A 75 14.99 -33.85 13.23
N ASN A 76 14.80 -33.71 14.54
CA ASN A 76 13.61 -34.25 15.20
C ASN A 76 12.33 -33.65 14.61
N SER A 77 11.34 -34.50 14.39
CA SER A 77 10.09 -34.09 13.75
C SER A 77 9.20 -33.29 14.70
N ASP A 78 9.53 -33.35 15.99
CA ASP A 78 8.77 -32.67 17.03
C ASP A 78 8.88 -31.15 16.90
N THR A 79 7.75 -30.51 16.61
CA THR A 79 7.68 -29.07 16.46
C THR A 79 6.80 -28.44 17.55
N SER A 80 6.45 -29.24 18.56
CA SER A 80 5.46 -28.84 19.57
C SER A 80 5.92 -27.76 20.56
N LEU A 81 7.23 -27.54 20.66
CA LEU A 81 7.78 -26.56 21.61
C LEU A 81 7.44 -25.10 21.25
N ILE A 82 7.10 -24.87 19.99
CA ILE A 82 6.82 -23.51 19.51
C ILE A 82 5.32 -23.31 19.29
N ASN A 83 4.80 -22.21 19.81
CA ASN A 83 3.44 -21.77 19.54
C ASN A 83 3.42 -20.35 18.97
N VAL A 84 2.79 -20.21 17.81
CA VAL A 84 2.69 -18.91 17.14
C VAL A 84 1.26 -18.38 17.26
N ASN A 85 1.13 -17.18 17.83
CA ASN A 85 -0.17 -16.54 17.95
C ASN A 85 -0.54 -15.80 16.67
N GLU A 86 -1.83 -15.50 16.53
CA GLU A 86 -2.35 -14.77 15.39
C GLU A 86 -1.83 -13.34 15.38
N PHE A 87 -1.67 -12.77 14.19
CA PHE A 87 -1.31 -11.38 14.04
C PHE A 87 -2.40 -10.50 14.65
N ASP A 88 -2.01 -9.66 15.60
CA ASP A 88 -2.92 -8.72 16.25
C ASP A 88 -3.06 -7.49 15.38
N ASP A 89 -4.17 -7.39 14.67
CA ASP A 89 -4.46 -6.28 13.75
C ASP A 89 -4.46 -4.92 14.44
N ASN A 90 -4.87 -4.90 15.70
CA ASN A 90 -4.95 -3.67 16.48
C ASN A 90 -3.58 -3.09 16.84
N SER A 91 -2.71 -3.92 17.38
CA SER A 91 -1.39 -3.48 17.85
C SER A 91 -0.29 -3.59 16.80
N GLY A 92 -0.58 -4.28 15.69
CA GLY A 92 0.38 -4.47 14.60
C GLY A 92 1.52 -5.42 14.93
N VAL A 93 1.38 -6.14 16.04
CA VAL A 93 2.42 -7.04 16.55
C VAL A 93 1.94 -8.50 16.46
N GLN A 94 2.87 -9.41 16.24
CA GLN A 94 2.59 -10.84 16.26
C GLN A 94 3.53 -11.53 17.24
N SER A 95 2.96 -12.25 18.20
CA SER A 95 3.74 -12.87 19.26
C SER A 95 3.83 -14.39 19.12
N MET A 96 4.78 -14.98 19.85
CA MET A 96 4.95 -16.42 19.90
C MET A 96 5.64 -16.82 21.20
N GLU A 97 5.60 -18.11 21.52
CA GLU A 97 6.22 -18.64 22.74
C GLU A 97 7.00 -19.92 22.49
N VAL A 98 8.05 -20.10 23.28
CA VAL A 98 8.80 -21.35 23.35
C VAL A 98 8.59 -21.93 24.75
N THR A 99 8.10 -23.16 24.80
CA THR A 99 7.76 -23.80 26.06
C THR A 99 8.47 -25.14 26.22
N LYS A 100 9.17 -25.32 27.33
CA LYS A 100 9.68 -26.63 27.73
C LYS A 100 8.78 -27.15 28.85
N ILE A 101 8.14 -28.29 28.61
CA ILE A 101 7.19 -28.85 29.57
C ILE A 101 7.91 -29.63 30.68
N GLN A 102 7.64 -29.19 31.90
CA GLN A 102 8.16 -29.80 33.13
C GLN A 102 7.25 -29.32 34.26
N ASN A 103 7.53 -29.74 35.49
CA ASN A 103 6.70 -29.32 36.64
C ASN A 103 6.49 -27.81 36.69
N THR A 104 7.57 -27.06 36.51
CA THR A 104 7.48 -25.61 36.36
C THR A 104 7.92 -25.27 34.94
N ALA A 105 6.93 -25.08 34.07
CA ALA A 105 7.17 -24.91 32.63
C ALA A 105 8.10 -23.75 32.34
N GLN A 106 9.11 -24.03 31.51
CA GLN A 106 10.07 -23.05 31.04
C GLN A 106 9.47 -22.34 29.82
N VAL A 107 9.06 -21.09 30.01
CA VAL A 107 8.38 -20.31 28.96
C VAL A 107 9.20 -19.08 28.55
N HIS A 108 9.31 -18.87 27.24
CA HIS A 108 9.97 -17.69 26.68
C HIS A 108 9.08 -17.06 25.66
N GLU A 109 8.72 -15.79 25.86
CA GLU A 109 7.82 -15.08 24.96
C GLU A 109 8.56 -14.05 24.12
N PHE A 110 8.15 -13.91 22.86
CA PHE A 110 8.78 -13.00 21.91
C PHE A 110 7.74 -12.32 21.01
N LYS A 111 8.03 -11.10 20.60
CA LYS A 111 7.11 -10.31 19.77
C LYS A 111 7.80 -9.83 18.49
N PHE A 112 7.08 -9.91 17.38
CA PHE A 112 7.62 -9.54 16.07
C PHE A 112 6.64 -8.65 15.31
N ASP A 113 7.13 -7.96 14.29
CA ASP A 113 6.27 -7.22 13.37
C ASP A 113 5.46 -8.19 12.50
N LYS A 114 6.06 -9.34 12.22
CA LYS A 114 5.37 -10.43 11.54
C LYS A 114 6.09 -11.75 11.74
N ILE A 115 5.32 -12.83 11.79
CA ILE A 115 5.89 -14.17 11.85
C ILE A 115 5.41 -14.96 10.65
N PHE A 116 6.38 -15.49 9.88
CA PHE A 116 6.09 -16.44 8.82
C PHE A 116 6.33 -17.85 9.36
N ASP A 117 5.37 -18.73 9.11
CA ASP A 117 5.40 -20.08 9.66
C ASP A 117 5.75 -21.09 8.58
N GLN A 118 5.86 -22.36 8.96
CA GLN A 118 6.24 -23.46 8.05
C GLN A 118 5.54 -23.43 6.69
N GLN A 119 4.24 -23.13 6.69
CA GLN A 119 3.44 -23.11 5.47
C GLN A 119 3.63 -21.85 4.61
N ASP A 120 4.26 -20.82 5.17
CA ASP A 120 4.48 -19.58 4.44
C ASP A 120 5.63 -19.69 3.45
N THR A 121 5.31 -19.48 2.18
CA THR A 121 6.27 -19.66 1.08
C THR A 121 7.05 -18.38 0.83
N ASN A 122 8.05 -18.48 -0.05
CA ASN A 122 8.82 -17.33 -0.50
C ASN A 122 7.94 -16.27 -1.17
N VAL A 123 6.90 -16.72 -1.86
CA VAL A 123 5.90 -15.82 -2.45
C VAL A 123 5.17 -15.05 -1.34
N ASP A 124 4.77 -15.76 -0.28
CA ASP A 124 4.13 -15.11 0.87
C ASP A 124 5.05 -14.07 1.51
N VAL A 125 6.30 -14.46 1.71
CA VAL A 125 7.31 -13.57 2.31
C VAL A 125 7.46 -12.28 1.50
N PHE A 126 7.56 -12.41 0.18
CA PHE A 126 7.78 -11.25 -0.68
C PHE A 126 6.61 -10.27 -0.76
N LYS A 127 5.40 -10.73 -0.42
CA LYS A 127 4.24 -9.84 -0.28
C LYS A 127 4.55 -8.70 0.68
N GLU A 128 5.43 -8.97 1.64
CA GLU A 128 5.79 -7.99 2.66
C GLU A 128 7.08 -7.25 2.31
N VAL A 129 7.99 -7.93 1.62
CA VAL A 129 9.30 -7.38 1.29
C VAL A 129 9.23 -6.42 0.11
N GLY A 130 8.33 -6.71 -0.84
CA GLY A 130 8.15 -5.90 -2.05
C GLY A 130 8.03 -4.41 -1.83
N GLN A 131 7.33 -4.02 -0.76
CA GLN A 131 7.16 -2.61 -0.43
C GLN A 131 8.49 -1.90 -0.10
N LEU A 132 9.45 -2.64 0.43
CA LEU A 132 10.78 -2.10 0.73
C LEU A 132 11.65 -1.98 -0.52
N VAL A 133 11.52 -2.93 -1.43
CA VAL A 133 12.17 -2.83 -2.74
C VAL A 133 11.63 -1.59 -3.44
N GLN A 134 10.32 -1.39 -3.37
CA GLN A 134 9.69 -0.17 -3.91
C GLN A 134 10.31 1.10 -3.34
N SER A 135 10.58 1.12 -2.02
CA SER A 135 11.22 2.28 -1.38
C SER A 135 12.56 2.63 -2.01
N SER A 136 13.33 1.59 -2.35
CA SER A 136 14.62 1.74 -3.01
C SER A 136 14.50 2.35 -4.40
N LEU A 137 13.53 1.85 -5.18
CA LEU A 137 13.19 2.43 -6.48
C LEU A 137 12.76 3.89 -6.34
N ASP A 138 12.01 4.18 -5.27
CA ASP A 138 11.54 5.54 -4.99
C ASP A 138 12.62 6.48 -4.47
N GLY A 139 13.81 5.96 -4.18
CA GLY A 139 14.97 6.79 -3.83
C GLY A 139 15.39 6.76 -2.37
N TYR A 140 15.00 5.70 -1.66
CA TYR A 140 15.40 5.53 -0.27
C TYR A 140 16.37 4.37 -0.15
N ASN A 141 17.22 4.40 0.87
CA ASN A 141 18.13 3.29 1.14
C ASN A 141 17.45 2.20 1.96
N VAL A 142 17.72 0.95 1.61
CA VAL A 142 17.12 -0.20 2.28
C VAL A 142 18.18 -1.27 2.56
N ALA A 143 18.13 -1.83 3.78
CA ALA A 143 18.97 -2.96 4.15
C ALA A 143 18.10 -4.11 4.62
N ILE A 144 18.24 -5.25 3.95
CA ILE A 144 17.52 -6.46 4.36
C ILE A 144 18.53 -7.53 4.76
N PHE A 145 18.40 -8.02 5.99
CA PHE A 145 19.31 -9.01 6.56
C PHE A 145 18.60 -10.33 6.80
N ALA A 146 19.28 -11.43 6.51
CA ALA A 146 18.83 -12.76 6.92
C ALA A 146 19.76 -13.27 8.01
N TYR A 147 19.18 -13.53 9.19
CA TYR A 147 19.93 -13.92 10.38
C TYR A 147 19.45 -15.27 10.88
N GLY A 148 20.37 -16.08 11.40
CA GLY A 148 20.02 -17.36 12.03
C GLY A 148 21.12 -18.39 11.89
N GLN A 149 20.95 -19.52 12.57
CA GLN A 149 21.96 -20.58 12.56
C GLN A 149 22.09 -21.20 11.16
N THR A 150 23.28 -21.74 10.87
CA THR A 150 23.48 -22.54 9.65
C THR A 150 22.41 -23.64 9.65
N GLY A 151 21.72 -23.77 8.52
CA GLY A 151 20.64 -24.75 8.37
C GLY A 151 19.25 -24.20 8.60
N SER A 152 19.13 -22.94 9.04
CA SER A 152 17.82 -22.37 9.40
C SER A 152 17.04 -21.81 8.20
N GLY A 153 17.73 -21.57 7.09
CA GLY A 153 17.08 -21.17 5.85
C GLY A 153 17.37 -19.76 5.33
N LYS A 154 18.50 -19.19 5.74
CA LYS A 154 18.89 -17.85 5.32
C LYS A 154 19.07 -17.75 3.80
N THR A 155 19.85 -18.69 3.25
CA THR A 155 20.16 -18.68 1.82
C THR A 155 18.92 -19.00 0.96
N PHE A 156 18.10 -19.94 1.43
CA PHE A 156 16.84 -20.26 0.75
C PHE A 156 15.96 -19.02 0.66
N THR A 157 15.80 -18.33 1.80
CA THR A 157 15.00 -17.12 1.88
C THR A 157 15.50 -16.07 0.88
N MET A 158 16.83 -15.91 0.83
CA MET A 158 17.43 -14.87 0.00
C MET A 158 17.59 -15.24 -1.48
N LEU A 159 17.85 -16.50 -1.76
CA LEU A 159 18.36 -16.90 -3.08
C LEU A 159 17.70 -18.09 -3.78
N ASN A 160 16.67 -18.69 -3.19
CA ASN A 160 15.96 -19.76 -3.88
C ASN A 160 15.56 -19.32 -5.28
N PRO A 161 15.92 -20.13 -6.31
CA PRO A 161 15.65 -19.76 -7.70
C PRO A 161 14.20 -19.33 -7.93
N GLY A 162 14.02 -18.23 -8.65
CA GLY A 162 12.69 -17.75 -8.99
C GLY A 162 12.02 -16.89 -7.94
N ASP A 163 11.90 -17.42 -6.71
CA ASP A 163 11.09 -16.77 -5.68
C ASP A 163 11.83 -16.30 -4.42
N GLY A 164 13.14 -16.52 -4.36
CA GLY A 164 13.96 -15.98 -3.28
C GLY A 164 13.83 -14.46 -3.26
N ILE A 165 14.24 -13.84 -2.15
CA ILE A 165 14.15 -12.38 -2.04
C ILE A 165 14.91 -11.68 -3.17
N ILE A 166 16.10 -12.17 -3.50
CA ILE A 166 16.93 -11.55 -4.54
C ILE A 166 16.32 -11.70 -5.95
N PRO A 167 15.98 -12.93 -6.39
CA PRO A 167 15.31 -13.05 -7.69
C PRO A 167 13.97 -12.32 -7.76
N SER A 168 13.18 -12.38 -6.69
CA SER A 168 11.90 -11.63 -6.64
C SER A 168 12.15 -10.13 -6.73
N THR A 169 13.23 -9.67 -6.10
CA THR A 169 13.61 -8.26 -6.11
C THR A 169 13.98 -7.78 -7.50
N ILE A 170 14.83 -8.54 -8.19
CA ILE A 170 15.24 -8.23 -9.56
C ILE A 170 14.03 -8.11 -10.49
N SER A 171 13.11 -9.07 -10.39
CA SER A 171 11.89 -9.06 -11.21
C SER A 171 11.05 -7.81 -10.96
N HIS A 172 10.78 -7.51 -9.69
CA HIS A 172 10.10 -6.29 -9.29
C HIS A 172 10.77 -5.06 -9.84
N ILE A 173 12.09 -4.99 -9.71
CA ILE A 173 12.86 -3.84 -10.22
C ILE A 173 12.63 -3.60 -11.71
N PHE A 174 12.86 -4.62 -12.53
CA PHE A 174 12.77 -4.45 -13.98
C PHE A 174 11.36 -4.23 -14.51
N ASN A 175 10.38 -4.90 -13.88
CA ASN A 175 8.98 -4.68 -14.23
CA ASN A 175 8.96 -4.69 -14.20
C ASN A 175 8.54 -3.25 -13.93
N TRP A 176 8.97 -2.72 -12.77
CA TRP A 176 8.62 -1.37 -12.38
C TRP A 176 9.32 -0.32 -13.21
N ILE A 177 10.59 -0.58 -13.54
CA ILE A 177 11.36 0.30 -14.42
C ILE A 177 10.69 0.41 -15.80
N ASN A 178 10.26 -0.72 -16.34
CA ASN A 178 9.53 -0.76 -17.61
C ASN A 178 8.23 0.04 -17.59
N LYS A 179 7.47 -0.06 -16.49
CA LYS A 179 6.26 0.72 -16.33
C LYS A 179 6.54 2.23 -16.26
N LEU A 180 7.62 2.58 -15.57
CA LEU A 180 7.97 3.99 -15.35
C LEU A 180 8.47 4.71 -16.60
N LYS A 181 8.99 3.95 -17.57
CA LYS A 181 9.45 4.50 -18.86
C LYS A 181 8.39 5.38 -19.52
N THR A 182 7.13 4.93 -19.48
CA THR A 182 6.01 5.65 -20.08
C THR A 182 5.64 6.92 -19.32
N LYS A 183 6.27 7.14 -18.17
CA LYS A 183 6.00 8.31 -17.33
C LYS A 183 7.22 9.23 -17.22
N GLY A 184 8.13 9.11 -18.20
CA GLY A 184 9.28 10.00 -18.30
C GLY A 184 10.52 9.60 -17.53
N TRP A 185 10.46 8.47 -16.83
CA TRP A 185 11.56 8.02 -15.98
C TRP A 185 12.55 7.16 -16.72
N ASP A 186 13.82 7.51 -16.60
CA ASP A 186 14.92 6.67 -17.06
C ASP A 186 15.71 6.16 -15.86
N TYR A 187 16.00 4.86 -15.85
CA TYR A 187 16.67 4.22 -14.72
C TYR A 187 17.96 3.52 -15.10
N LYS A 188 18.99 3.72 -14.28
CA LYS A 188 20.24 2.98 -14.37
C LYS A 188 20.36 2.08 -13.15
N VAL A 189 20.62 0.80 -13.37
CA VAL A 189 20.78 -0.17 -12.30
C VAL A 189 22.20 -0.73 -12.30
N ASN A 190 22.93 -0.48 -11.21
CA ASN A 190 24.27 -1.02 -11.04
C ASN A 190 24.39 -1.79 -9.73
N ALA A 191 25.18 -2.86 -9.74
CA ALA A 191 25.28 -3.73 -8.58
C ALA A 191 26.70 -4.16 -8.23
N GLU A 192 26.90 -4.42 -6.94
CA GLU A 192 28.11 -5.05 -6.43
C GLU A 192 27.70 -6.25 -5.59
N PHE A 193 28.54 -7.28 -5.59
CA PHE A 193 28.28 -8.48 -4.80
C PHE A 193 29.56 -8.84 -4.08
N ILE A 194 29.53 -8.71 -2.75
CA ILE A 194 30.73 -8.90 -1.94
C ILE A 194 30.53 -9.87 -0.79
N GLU A 195 31.65 -10.29 -0.21
CA GLU A 195 31.68 -11.17 0.92
C GLU A 195 32.51 -10.52 2.01
N ILE A 196 32.07 -10.64 3.26
CA ILE A 196 32.89 -10.27 4.40
C ILE A 196 33.22 -11.53 5.19
N TYR A 197 34.51 -11.84 5.26
CA TYR A 197 35.01 -12.98 6.03
C TYR A 197 36.19 -12.50 6.87
N ASN A 198 36.13 -12.75 8.17
CA ASN A 198 37.14 -12.30 9.14
C ASN A 198 37.48 -10.82 8.97
N GLU A 199 36.44 -10.00 8.87
CA GLU A 199 36.57 -8.54 8.68
C GLU A 199 37.36 -8.14 7.43
N ASN A 200 37.38 -9.03 6.44
CA ASN A 200 37.96 -8.70 5.13
C ASN A 200 36.91 -8.80 4.03
N ILE A 201 36.96 -7.86 3.09
CA ILE A 201 36.03 -7.84 1.97
C ILE A 201 36.63 -8.56 0.75
N VAL A 202 35.87 -9.51 0.21
CA VAL A 202 36.22 -10.19 -1.03
C VAL A 202 35.20 -9.81 -2.11
N ASP A 203 35.69 -9.53 -3.32
CA ASP A 203 34.84 -9.23 -4.46
C ASP A 203 34.37 -10.54 -5.10
N LEU A 204 33.07 -10.79 -5.04
CA LEU A 204 32.50 -12.02 -5.60
C LEU A 204 32.20 -11.92 -7.10
N LEU A 205 32.40 -10.73 -7.67
CA LEU A 205 32.15 -10.50 -9.11
C LEU A 205 33.43 -10.36 -9.94
N ARG A 206 34.58 -10.65 -9.33
CA ARG A 206 35.87 -10.56 -10.03
C ARG A 206 35.96 -11.58 -11.17
N SER A 207 36.52 -11.15 -12.30
CA SER A 207 36.70 -12.02 -13.47
C SER A 207 38.10 -11.90 -14.05
N SER A 216 44.82 -11.40 -7.58
CA SER A 216 43.52 -11.71 -6.98
C SER A 216 43.60 -11.75 -5.45
N ILE A 217 44.68 -12.32 -4.94
CA ILE A 217 44.89 -12.48 -3.49
C ILE A 217 45.27 -11.14 -2.83
N GLY A 218 46.22 -10.43 -3.45
CA GLY A 218 46.78 -9.21 -2.87
C GLY A 218 45.99 -7.92 -3.08
N LEU A 219 44.81 -8.04 -3.69
CA LEU A 219 43.96 -6.87 -3.95
C LEU A 219 43.38 -6.28 -2.68
N LYS A 220 43.42 -4.95 -2.58
CA LYS A 220 42.91 -4.24 -1.42
C LYS A 220 41.47 -3.76 -1.64
N HIS A 221 40.60 -4.12 -0.70
CA HIS A 221 39.20 -3.70 -0.73
C HIS A 221 38.85 -2.94 0.51
N GLU A 222 38.90 -1.62 0.41
CA GLU A 222 38.69 -0.75 1.57
C GLU A 222 37.46 0.15 1.42
N ILE A 223 36.74 0.32 2.52
CA ILE A 223 35.54 1.14 2.56
C ILE A 223 35.88 2.63 2.43
N ARG A 224 35.26 3.30 1.46
CA ARG A 224 35.43 4.75 1.27
C ARG A 224 34.07 5.43 1.36
N HIS A 225 33.90 6.27 2.37
CA HIS A 225 32.67 7.03 2.55
C HIS A 225 32.78 8.42 1.98
N ASP A 226 31.69 8.87 1.34
CA ASP A 226 31.56 10.23 0.87
C ASP A 226 30.46 10.90 1.68
N GLN A 227 30.86 11.65 2.70
CA GLN A 227 29.95 12.27 3.67
C GLN A 227 28.96 13.26 3.05
N GLU A 228 29.39 13.93 1.98
CA GLU A 228 28.56 14.93 1.30
C GLU A 228 27.35 14.33 0.59
N THR A 229 27.54 13.20 -0.07
CA THR A 229 26.47 12.54 -0.81
C THR A 229 25.88 11.35 -0.02
N LYS A 230 26.49 11.05 1.12
CA LYS A 230 26.11 9.90 1.94
C LYS A 230 26.10 8.61 1.10
N THR A 231 27.18 8.42 0.35
CA THR A 231 27.40 7.23 -0.46
C THR A 231 28.71 6.57 -0.07
N THR A 232 28.82 5.29 -0.38
CA THR A 232 29.96 4.49 0.02
C THR A 232 30.44 3.68 -1.18
N THR A 233 31.75 3.65 -1.37
CA THR A 233 32.36 2.77 -2.37
C THR A 233 33.40 1.89 -1.68
N ILE A 234 33.72 0.76 -2.32
CA ILE A 234 34.81 -0.09 -1.87
C ILE A 234 35.85 -0.09 -2.99
N THR A 235 37.12 0.08 -2.61
CA THR A 235 38.21 0.13 -3.59
C THR A 235 38.37 -1.21 -4.31
N ASN A 236 38.58 -1.13 -5.63
CA ASN A 236 38.90 -2.29 -6.47
C ASN A 236 37.79 -3.34 -6.61
N VAL A 237 36.57 -2.99 -6.21
CA VAL A 237 35.43 -3.90 -6.31
C VAL A 237 34.71 -3.70 -7.65
N THR A 238 34.45 -4.81 -8.33
CA THR A 238 33.72 -4.82 -9.60
C THR A 238 32.30 -4.30 -9.40
N SER A 239 31.91 -3.36 -10.25
CA SER A 239 30.53 -2.91 -10.33
C SER A 239 29.99 -3.26 -11.70
N VAL A 240 28.82 -3.88 -11.75
N VAL A 240 28.82 -3.87 -11.75
CA VAL A 240 28.22 -4.32 -13.00
CA VAL A 240 28.22 -4.33 -12.99
C VAL A 240 26.85 -3.67 -13.22
C VAL A 240 26.85 -3.69 -13.22
N LYS A 241 26.63 -3.20 -14.45
CA LYS A 241 25.35 -2.64 -14.83
C LYS A 241 24.37 -3.78 -15.08
N LEU A 242 23.21 -3.71 -14.42
CA LEU A 242 22.17 -4.72 -14.56
C LEU A 242 21.15 -4.28 -15.61
N GLU A 243 20.98 -5.09 -16.64
CA GLU A 243 20.19 -4.70 -17.81
C GLU A 243 18.88 -5.46 -17.93
N SER A 244 18.83 -6.66 -17.37
CA SER A 244 17.64 -7.51 -17.42
C SER A 244 17.67 -8.57 -16.32
N GLU A 245 16.52 -9.18 -16.05
CA GLU A 245 16.40 -10.27 -15.09
C GLU A 245 17.32 -11.44 -15.45
N GLU A 246 17.26 -11.84 -16.73
CA GLU A 246 18.03 -12.97 -17.25
C GLU A 246 19.53 -12.75 -17.10
N MET A 247 19.97 -11.51 -17.34
CA MET A 247 21.37 -11.14 -17.23
C MET A 247 21.88 -11.25 -15.79
N VAL A 248 21.04 -10.86 -14.83
CA VAL A 248 21.37 -10.95 -13.41
C VAL A 248 21.44 -12.42 -12.98
N GLU A 249 20.50 -13.22 -13.47
CA GLU A 249 20.45 -14.66 -13.19
C GLU A 249 21.74 -15.37 -13.60
N ILE A 250 22.30 -14.95 -14.74
CA ILE A 250 23.59 -15.48 -15.23
C ILE A 250 24.72 -15.04 -14.30
N ILE A 251 24.72 -13.75 -13.96
CA ILE A 251 25.74 -13.16 -13.09
C ILE A 251 25.69 -13.75 -11.68
N LEU A 252 24.48 -13.92 -11.15
CA LEU A 252 24.28 -14.54 -9.84
C LEU A 252 24.83 -15.96 -9.79
N LYS A 253 24.52 -16.74 -10.83
CA LYS A 253 24.93 -18.15 -10.90
C LYS A 253 26.45 -18.33 -10.86
N LYS A 254 27.17 -17.55 -11.65
CA LYS A 254 28.64 -17.59 -11.70
C LYS A 254 29.27 -17.32 -10.33
N ALA A 255 28.67 -16.38 -9.59
CA ALA A 255 29.12 -16.03 -8.25
C ALA A 255 28.44 -16.90 -7.17
N ASN A 256 27.46 -17.71 -7.59
CA ASN A 256 26.64 -18.56 -6.71
C ASN A 256 25.52 -17.80 -5.98
N ARG A 259 25.02 -21.02 -0.04
CA ARG A 259 25.71 -20.91 -1.32
C ARG A 259 26.58 -22.13 -1.61
N THR A 264 31.43 -28.62 -0.91
CA THR A 264 31.43 -28.72 0.55
C THR A 264 32.27 -27.62 1.20
N ALA A 265 33.46 -27.37 0.65
CA ALA A 265 34.35 -26.31 1.12
C ALA A 265 33.74 -24.92 0.90
N SER A 266 33.07 -24.75 -0.26
CA SER A 266 32.42 -23.48 -0.61
C SER A 266 31.29 -23.11 0.34
N ASN A 267 30.39 -24.06 0.61
CA ASN A 267 29.25 -23.80 1.48
C ASN A 267 29.62 -23.65 2.96
N GLU A 268 30.67 -24.34 3.40
CA GLU A 268 31.21 -24.15 4.74
C GLU A 268 31.72 -22.72 4.90
N HIS A 269 32.49 -22.25 3.91
CA HIS A 269 32.99 -20.88 3.90
C HIS A 269 31.87 -19.89 3.87
N SER A 270 30.90 -20.13 3.00
CA SER A 270 29.71 -19.27 2.87
C SER A 270 28.91 -19.17 4.18
N SER A 271 28.80 -20.28 4.91
CA SER A 271 28.11 -20.30 6.19
C SER A 271 28.89 -19.59 7.30
N ARG A 272 30.17 -19.30 7.06
CA ARG A 272 31.01 -18.64 8.06
C ARG A 272 31.36 -17.21 7.63
N SER A 273 30.61 -16.66 6.67
CA SER A 273 30.86 -15.32 6.18
C SER A 273 29.55 -14.60 5.82
N HIS A 274 29.60 -13.27 5.73
CA HIS A 274 28.46 -12.48 5.26
C HIS A 274 28.56 -12.28 3.78
N SER A 275 27.45 -12.42 3.06
CA SER A 275 27.41 -12.05 1.66
C SER A 275 26.43 -10.91 1.48
N ILE A 276 26.84 -9.91 0.69
CA ILE A 276 26.05 -8.69 0.54
C ILE A 276 25.87 -8.36 -0.94
N PHE A 277 24.61 -8.32 -1.37
CA PHE A 277 24.28 -7.90 -2.73
C PHE A 277 23.77 -6.45 -2.70
N ILE A 278 24.51 -5.57 -3.38
CA ILE A 278 24.24 -4.13 -3.32
C ILE A 278 23.75 -3.64 -4.68
N ILE A 279 22.53 -3.12 -4.69
CA ILE A 279 21.88 -2.65 -5.92
C ILE A 279 21.61 -1.15 -5.84
N HIS A 280 22.13 -0.41 -6.81
CA HIS A 280 21.92 1.04 -6.88
C HIS A 280 20.89 1.34 -7.93
N LEU A 281 19.85 2.07 -7.53
CA LEU A 281 18.77 2.41 -8.44
C LEU A 281 18.75 3.91 -8.70
N SER A 282 19.15 4.29 -9.92
CA SER A 282 19.33 5.69 -10.28
C SER A 282 18.29 6.13 -11.30
N GLY A 283 17.40 7.02 -10.87
CA GLY A 283 16.28 7.45 -11.70
C GLY A 283 16.32 8.94 -12.03
N SER A 284 16.00 9.25 -13.28
CA SER A 284 15.89 10.64 -13.72
C SER A 284 14.69 10.81 -14.63
N ASN A 285 13.97 11.91 -14.43
CA ASN A 285 12.83 12.26 -15.26
C ASN A 285 13.08 13.59 -15.95
N ALA A 286 13.25 13.54 -17.28
CA ALA A 286 13.54 14.72 -18.08
C ALA A 286 12.34 15.64 -18.27
N LYS A 287 11.14 15.11 -18.01
CA LYS A 287 9.90 15.88 -18.16
C LYS A 287 9.59 16.72 -16.92
N THR A 288 10.09 16.31 -15.76
CA THR A 288 9.84 17.04 -14.52
C THR A 288 11.11 17.59 -13.89
N GLY A 289 12.26 17.10 -14.36
CA GLY A 289 13.55 17.44 -13.76
C GLY A 289 13.85 16.71 -12.46
N ALA A 290 12.98 15.77 -12.08
CA ALA A 290 13.15 15.01 -10.84
C ALA A 290 14.21 13.93 -10.99
N HIS A 291 14.95 13.69 -9.90
CA HIS A 291 15.93 12.61 -9.81
C HIS A 291 15.70 11.84 -8.54
N SER A 292 16.08 10.57 -8.53
CA SER A 292 16.03 9.77 -7.32
C SER A 292 17.17 8.76 -7.32
N TYR A 293 17.72 8.51 -6.13
CA TYR A 293 18.82 7.57 -5.99
C TYR A 293 18.65 6.76 -4.69
N GLY A 294 18.45 5.46 -4.84
CA GLY A 294 18.31 4.56 -3.69
C GLY A 294 19.24 3.37 -3.79
N THR A 295 19.77 2.94 -2.65
CA THR A 295 20.61 1.75 -2.61
C THR A 295 19.92 0.64 -1.80
N LEU A 296 19.80 -0.53 -2.41
CA LEU A 296 19.20 -1.70 -1.79
C LEU A 296 20.28 -2.72 -1.42
N ASN A 297 20.36 -3.07 -0.14
CA ASN A 297 21.35 -4.02 0.36
C ASN A 297 20.70 -5.30 0.84
N LEU A 298 21.09 -6.42 0.24
CA LEU A 298 20.50 -7.72 0.55
C LEU A 298 21.59 -8.62 1.13
N VAL A 299 21.46 -8.92 2.42
CA VAL A 299 22.54 -9.52 3.20
C VAL A 299 22.18 -10.93 3.71
N ASP A 300 23.01 -11.91 3.31
CA ASP A 300 22.91 -13.28 3.82
C ASP A 300 24.03 -13.40 4.86
N LEU A 301 23.64 -13.34 6.13
CA LEU A 301 24.61 -13.25 7.22
C LEU A 301 25.30 -14.59 7.52
N ALA A 302 26.46 -14.50 8.18
CA ALA A 302 27.15 -15.67 8.70
C ALA A 302 26.27 -16.35 9.74
N GLY A 303 26.32 -17.68 9.78
CA GLY A 303 25.55 -18.47 10.75
C GLY A 303 25.80 -18.00 12.17
N SER A 304 24.73 -17.88 12.93
CA SER A 304 24.79 -17.33 14.28
C SER A 304 25.04 -18.36 15.38
N GLU A 305 25.13 -19.64 15.01
CA GLU A 305 25.24 -20.73 15.99
C GLU A 305 26.44 -20.58 16.93
N ARG A 306 26.22 -20.93 18.19
CA ARG A 306 27.29 -20.94 19.20
C ARG A 306 28.15 -22.17 18.98
N ILE A 307 29.42 -21.95 18.68
CA ILE A 307 30.37 -23.03 18.43
C ILE A 307 31.09 -23.39 19.73
N ASN A 308 31.13 -24.68 20.05
CA ASN A 308 31.98 -25.17 21.14
C ASN A 308 33.44 -25.09 20.69
N VAL A 309 34.19 -24.17 21.31
CA VAL A 309 35.55 -23.86 20.89
C VAL A 309 36.66 -24.49 21.75
N SER A 310 36.29 -25.42 22.62
CA SER A 310 37.23 -26.01 23.58
C SER A 310 38.34 -26.86 22.92
N GLN A 311 37.95 -27.80 22.07
CA GLN A 311 38.91 -28.70 21.40
C GLN A 311 39.27 -28.21 19.99
N VAL A 312 38.93 -26.96 19.71
CA VAL A 312 39.04 -26.39 18.37
C VAL A 312 40.43 -25.78 18.11
N VAL A 313 40.83 -25.71 16.83
CA VAL A 313 42.11 -25.10 16.45
C VAL A 313 42.02 -23.56 16.43
N GLY A 314 43.17 -22.91 16.56
CA GLY A 314 43.25 -21.46 16.64
C GLY A 314 42.50 -20.68 15.58
N ASP A 315 42.68 -21.05 14.32
CA ASP A 315 41.99 -20.39 13.20
C ASP A 315 40.47 -20.45 13.36
N ARG A 316 39.97 -21.62 13.73
CA ARG A 316 38.55 -21.83 13.95
C ARG A 316 38.04 -20.96 15.11
N LEU A 317 38.79 -20.92 16.20
CA LEU A 317 38.49 -20.07 17.36
C LEU A 317 38.34 -18.61 16.96
N ARG A 318 39.32 -18.08 16.21
CA ARG A 318 39.32 -16.67 15.80
C ARG A 318 38.19 -16.37 14.81
N GLU A 319 37.87 -17.34 13.96
CA GLU A 319 36.75 -17.23 13.02
C GLU A 319 35.43 -17.11 13.79
N THR A 320 35.28 -17.93 14.82
CA THR A 320 34.12 -17.90 15.70
C THR A 320 34.00 -16.55 16.42
N GLN A 321 35.13 -16.03 16.87
CA GLN A 321 35.17 -14.75 17.60
C GLN A 321 34.78 -13.57 16.70
N ASN A 322 35.31 -13.56 15.48
CA ASN A 322 35.00 -12.50 14.52
C ASN A 322 33.53 -12.47 14.15
N ILE A 323 32.96 -13.64 13.87
CA ILE A 323 31.54 -13.77 13.54
C ILE A 323 30.67 -13.25 14.68
N ASN A 324 30.99 -13.66 15.92
CA ASN A 324 30.27 -13.20 17.10
C ASN A 324 30.38 -11.68 17.28
N LYS A 325 31.57 -11.15 17.02
CA LYS A 325 31.83 -9.72 17.12
C LYS A 325 30.99 -8.97 16.10
N SER A 326 31.02 -9.44 14.86
CA SER A 326 30.32 -8.81 13.75
C SER A 326 28.80 -8.81 13.98
N LEU A 327 28.25 -9.97 14.31
CA LEU A 327 26.82 -10.09 14.57
C LEU A 327 26.36 -9.27 15.78
N SER A 328 27.15 -9.28 16.85
CA SER A 328 26.86 -8.49 18.05
C SER A 328 26.84 -6.99 17.78
N ALA A 329 27.80 -6.52 17.00
CA ALA A 329 27.87 -5.12 16.58
C ALA A 329 26.64 -4.72 15.75
N LEU A 330 26.22 -5.60 14.85
CA LEU A 330 25.01 -5.38 14.04
C LEU A 330 23.77 -5.22 14.93
N GLY A 331 23.63 -6.12 15.89
CA GLY A 331 22.59 -6.03 16.91
C GLY A 331 22.66 -4.77 17.74
N ASP A 332 23.86 -4.42 18.20
CA ASP A 332 24.09 -3.18 18.98
C ASP A 332 23.68 -1.94 18.19
N VAL A 333 24.12 -1.87 16.94
CA VAL A 333 23.84 -0.73 16.07
C VAL A 333 22.35 -0.56 15.77
N ILE A 334 21.70 -1.65 15.36
CA ILE A 334 20.27 -1.59 15.03
C ILE A 334 19.42 -1.32 16.27
N HIS A 335 19.78 -1.96 17.40
CA HIS A 335 19.12 -1.66 18.67
C HIS A 335 19.15 -0.18 18.97
N ALA A 336 20.33 0.42 18.88
CA ALA A 336 20.53 1.83 19.16
C ALA A 336 19.70 2.73 18.25
N LEU A 337 19.60 2.33 16.97
CA LEU A 337 18.86 3.10 15.97
C LEU A 337 17.35 3.05 16.19
N GLY A 338 16.88 2.03 16.91
CA GLY A 338 15.47 1.88 17.20
C GLY A 338 15.00 2.60 18.45
N GLN A 339 15.96 3.18 19.19
CA GLN A 339 15.66 3.89 20.43
C GLN A 339 15.26 5.34 20.15
N PRO A 340 14.38 5.92 20.99
CA PRO A 340 13.97 7.32 20.85
C PRO A 340 15.14 8.30 20.89
N ASP A 341 16.12 8.04 21.76
CA ASP A 341 17.32 8.86 21.85
C ASP A 341 18.43 8.34 20.94
N SER A 342 18.20 8.47 19.63
CA SER A 342 19.14 7.98 18.61
C SER A 342 20.15 9.04 18.19
N THR A 343 19.69 10.29 18.08
CA THR A 343 20.54 11.42 17.72
C THR A 343 21.41 11.85 18.90
N LYS A 344 20.90 11.66 20.11
CA LYS A 344 21.60 12.04 21.34
C LYS A 344 22.74 11.05 21.66
N ARG A 345 22.47 9.76 21.51
CA ARG A 345 23.46 8.71 21.80
C ARG A 345 24.38 8.45 20.62
N HIS A 346 25.61 8.03 20.91
CA HIS A 346 26.60 7.71 19.89
C HIS A 346 26.47 6.30 19.40
N ILE A 347 26.43 6.14 18.08
CA ILE A 347 26.30 4.83 17.45
C ILE A 347 27.59 4.49 16.71
N PRO A 348 28.33 3.48 17.22
CA PRO A 348 29.63 3.17 16.65
C PRO A 348 29.54 2.19 15.49
N PHE A 349 29.30 2.72 14.29
CA PHE A 349 29.28 1.92 13.06
C PHE A 349 30.67 1.38 12.77
N ARG A 350 31.66 2.18 13.14
CA ARG A 350 33.07 1.96 12.82
C ARG A 350 33.66 0.71 13.45
N ASN A 351 33.04 0.22 14.52
CA ASN A 351 33.53 -0.94 15.26
C ASN A 351 33.60 -2.23 14.46
N SER A 352 32.67 -2.38 13.52
CA SER A 352 32.60 -3.59 12.69
C SER A 352 32.49 -3.21 11.22
N LYS A 353 33.08 -4.05 10.35
CA LYS A 353 33.12 -3.75 8.93
C LYS A 353 31.76 -3.75 8.25
N LEU A 354 30.87 -4.65 8.68
CA LEU A 354 29.52 -4.75 8.12
C LEU A 354 28.68 -3.49 8.37
N THR A 355 28.61 -3.08 9.64
CA THR A 355 27.86 -1.89 10.04
C THR A 355 28.47 -0.60 9.50
N TYR A 356 29.80 -0.57 9.39
CA TYR A 356 30.50 0.60 8.84
C TYR A 356 30.24 0.72 7.35
N LEU A 357 30.27 -0.40 6.66
CA LEU A 357 29.96 -0.46 5.23
C LEU A 357 28.55 0.04 4.92
N LEU A 358 27.59 -0.35 5.75
CA LEU A 358 26.18 -0.09 5.46
C LEU A 358 25.61 1.14 6.14
N GLN A 359 26.46 1.90 6.84
CA GLN A 359 25.98 2.98 7.72
C GLN A 359 24.96 3.95 7.10
N TYR A 360 25.16 4.32 5.84
CA TYR A 360 24.24 5.25 5.17
C TYR A 360 22.91 4.61 4.76
N SER A 361 22.85 3.28 4.80
CA SER A 361 21.62 2.55 4.53
C SER A 361 20.91 2.14 5.82
N LEU A 362 21.43 2.62 6.95
CA LEU A 362 20.85 2.32 8.26
C LEU A 362 20.35 3.57 9.00
N THR A 363 20.72 4.74 8.50
CA THR A 363 20.39 6.02 9.14
C THR A 363 19.46 6.86 8.26
N GLY A 364 19.02 8.00 8.81
CA GLY A 364 18.18 8.94 8.08
C GLY A 364 16.82 8.37 7.76
N ASP A 365 16.47 8.33 6.48
CA ASP A 365 15.18 7.82 6.02
C ASP A 365 15.23 6.36 5.61
N SER A 366 16.38 5.73 5.84
CA SER A 366 16.62 4.37 5.41
C SER A 366 15.66 3.38 6.07
N LYS A 367 15.37 2.28 5.39
CA LYS A 367 14.54 1.23 5.97
C LYS A 367 15.36 -0.03 6.21
N THR A 368 15.18 -0.60 7.40
CA THR A 368 15.90 -1.80 7.79
C THR A 368 14.91 -2.93 8.04
N LEU A 369 15.22 -4.09 7.49
CA LEU A 369 14.46 -5.31 7.77
C LEU A 369 15.37 -6.44 8.24
N MET A 370 15.09 -6.95 9.44
CA MET A 370 15.79 -8.08 9.99
C MET A 370 14.92 -9.33 9.85
N PHE A 371 15.35 -10.26 8.99
CA PHE A 371 14.75 -11.58 8.92
C PHE A 371 15.47 -12.51 9.86
N VAL A 372 14.75 -13.09 10.81
CA VAL A 372 15.33 -14.09 11.69
C VAL A 372 14.76 -15.45 11.30
N ASN A 373 15.63 -16.29 10.75
CA ASN A 373 15.24 -17.63 10.33
C ASN A 373 15.45 -18.62 11.45
N ILE A 374 14.45 -19.46 11.70
CA ILE A 374 14.62 -20.54 12.67
C ILE A 374 14.10 -21.89 12.18
N SER A 375 14.61 -22.95 12.81
CA SER A 375 14.06 -24.28 12.67
C SER A 375 12.88 -24.44 13.63
N PRO A 376 11.86 -25.22 13.22
CA PRO A 376 10.75 -25.54 14.13
C PRO A 376 11.08 -26.71 15.07
N SER A 377 12.22 -27.36 14.85
CA SER A 377 12.53 -28.64 15.50
C SER A 377 13.07 -28.51 16.92
N SER A 378 12.71 -29.48 17.77
CA SER A 378 13.23 -29.56 19.13
C SER A 378 14.75 -29.75 19.17
N SER A 379 15.29 -30.34 18.10
CA SER A 379 16.73 -30.53 17.95
C SER A 379 17.52 -29.22 18.07
N HIS A 380 16.87 -28.11 17.72
CA HIS A 380 17.56 -26.82 17.60
C HIS A 380 17.03 -25.78 18.53
N ILE A 381 16.30 -26.21 19.55
CA ILE A 381 15.58 -25.28 20.42
C ILE A 381 16.48 -24.26 21.11
N ASN A 382 17.67 -24.68 21.54
CA ASN A 382 18.61 -23.79 22.23
C ASN A 382 19.11 -22.67 21.31
N GLU A 383 19.55 -23.03 20.11
CA GLU A 383 19.97 -22.05 19.11
C GLU A 383 18.83 -21.15 18.66
N THR A 384 17.63 -21.72 18.57
CA THR A 384 16.43 -20.98 18.24
C THR A 384 16.19 -19.86 19.25
N LEU A 385 16.40 -20.17 20.53
CA LEU A 385 16.23 -19.20 21.62
C LEU A 385 17.24 -18.05 21.54
N ASN A 386 18.46 -18.38 21.11
CA ASN A 386 19.49 -17.36 20.85
C ASN A 386 19.06 -16.41 19.72
N SER A 387 18.60 -16.98 18.61
CA SER A 387 18.12 -16.20 17.48
C SER A 387 16.95 -15.31 17.85
N LEU A 388 16.04 -15.84 18.68
CA LEU A 388 14.89 -15.09 19.16
C LEU A 388 15.27 -13.95 20.10
N ARG A 389 16.30 -14.17 20.93
CA ARG A 389 16.85 -13.11 21.77
C ARG A 389 17.52 -12.02 20.94
N PHE A 390 18.24 -12.41 19.89
CA PHE A 390 18.81 -11.43 18.97
C PHE A 390 17.69 -10.61 18.32
N ALA A 391 16.63 -11.29 17.90
CA ALA A 391 15.45 -10.65 17.32
C ALA A 391 14.81 -9.62 18.27
N SER A 392 14.74 -9.96 19.56
CA SER A 392 14.20 -9.05 20.58
C SER A 392 15.06 -7.82 20.76
N LYS A 393 16.37 -8.00 20.61
CA LYS A 393 17.31 -6.89 20.72
C LYS A 393 17.16 -5.88 19.58
N VAL A 394 16.90 -6.36 18.37
CA VAL A 394 16.81 -5.48 17.19
C VAL A 394 15.42 -4.87 16.99
N ASN A 395 14.43 -5.32 17.75
CA ASN A 395 13.12 -4.69 17.80
C ASN A 395 13.23 -3.22 18.18
N SER A 396 12.55 -2.36 17.42
CA SER A 396 12.49 -0.94 17.71
C SER A 396 11.38 -0.66 18.74
N THR A 397 11.38 0.55 19.28
CA THR A 397 10.37 0.95 20.28
C THR A 397 9.07 1.39 19.59
N ALA B 6 -17.43 15.55 -65.00
CA ALA B 6 -17.80 15.30 -63.58
C ALA B 6 -16.66 15.70 -62.63
N ALA B 7 -16.38 17.01 -62.58
CA ALA B 7 -15.33 17.55 -61.72
C ALA B 7 -15.75 17.63 -60.26
N LEU B 8 -17.03 17.92 -60.03
CA LEU B 8 -17.59 17.99 -58.67
C LEU B 8 -17.73 16.59 -58.05
N GLU B 9 -18.03 15.60 -58.90
CA GLU B 9 -18.13 14.21 -58.46
C GLU B 9 -16.75 13.63 -58.15
N LYS B 10 -15.73 14.13 -58.86
CA LYS B 10 -14.34 13.74 -58.63
C LYS B 10 -13.82 14.31 -57.32
N GLU B 11 -14.29 15.52 -56.97
CA GLU B 11 -13.91 16.19 -55.73
C GLU B 11 -14.52 15.49 -54.51
N ILE B 12 -15.74 14.98 -54.67
CA ILE B 12 -16.42 14.21 -53.63
C ILE B 12 -15.62 12.95 -53.28
N ALA B 13 -15.10 12.27 -54.31
CA ALA B 13 -14.25 11.10 -54.14
C ALA B 13 -12.96 11.44 -53.39
N ALA B 14 -12.39 12.61 -53.71
CA ALA B 14 -11.17 13.09 -53.05
C ALA B 14 -11.40 13.49 -51.59
N LEU B 15 -12.58 14.04 -51.31
CA LEU B 15 -12.95 14.41 -49.95
C LEU B 15 -13.38 13.20 -49.11
N GLU B 16 -13.96 12.20 -49.77
CA GLU B 16 -14.34 10.95 -49.11
C GLU B 16 -13.10 10.11 -48.77
N LYS B 17 -12.06 10.24 -49.59
CA LYS B 17 -10.79 9.56 -49.35
C LYS B 17 -10.05 10.18 -48.15
N GLU B 18 -10.14 11.50 -48.02
CA GLU B 18 -9.51 12.21 -46.92
C GLU B 18 -10.25 11.97 -45.60
N ILE B 19 -11.58 11.87 -45.67
CA ILE B 19 -12.40 11.50 -44.51
C ILE B 19 -12.03 10.09 -44.03
N ALA B 20 -11.86 9.16 -44.98
CA ALA B 20 -11.47 7.78 -44.68
C ALA B 20 -10.11 7.70 -43.97
N ALA B 21 -9.17 8.53 -44.42
CA ALA B 21 -7.83 8.59 -43.83
C ALA B 21 -7.83 9.19 -42.43
N LEU B 22 -8.68 10.21 -42.22
CA LEU B 22 -8.80 10.86 -40.92
C LEU B 22 -9.54 10.00 -39.89
N GLU B 23 -10.57 9.29 -40.35
CA GLU B 23 -11.35 8.41 -39.47
C GLU B 23 -10.55 7.20 -39.01
N LYS B 24 -9.66 6.71 -39.89
CA LYS B 24 -8.75 5.61 -39.55
C LYS B 24 -7.77 6.05 -38.46
N GLU B 25 -7.28 7.29 -38.59
CA GLU B 25 -6.39 7.90 -37.60
C GLU B 25 -7.10 8.08 -36.26
N ILE B 26 -8.38 8.43 -36.31
CA ILE B 26 -9.20 8.62 -35.10
C ILE B 26 -9.43 7.31 -34.36
N SER B 27 -9.78 6.26 -35.12
CA SER B 27 -10.01 4.94 -34.54
C SER B 27 -8.77 4.41 -33.81
N LYS B 28 -7.60 4.62 -34.41
CA LYS B 28 -6.32 4.23 -33.82
C LYS B 28 -6.05 5.03 -32.55
N GLN B 29 -6.31 6.34 -32.62
CA GLN B 29 -6.12 7.26 -31.51
C GLN B 29 -6.99 6.91 -30.31
N GLU B 30 -8.20 6.42 -30.58
CA GLU B 30 -9.16 6.04 -29.55
C GLU B 30 -8.63 4.91 -28.67
N LYS B 31 -7.96 3.94 -29.31
CA LYS B 31 -7.33 2.82 -28.62
C LYS B 31 -6.30 3.31 -27.60
N PHE B 32 -5.39 4.18 -28.04
CA PHE B 32 -4.38 4.77 -27.16
C PHE B 32 -5.02 5.59 -26.04
N TYR B 33 -5.99 6.43 -26.40
CA TYR B 33 -6.70 7.26 -25.42
C TYR B 33 -7.37 6.41 -24.33
N ASN B 34 -8.06 5.35 -24.74
CA ASN B 34 -8.71 4.41 -23.82
C ASN B 34 -7.76 3.73 -22.86
N ASP B 35 -6.59 3.32 -23.36
CA ASP B 35 -5.54 2.71 -22.55
C ASP B 35 -5.04 3.68 -21.47
N THR B 36 -4.75 4.91 -21.89
CA THR B 36 -4.25 5.94 -20.99
C THR B 36 -5.32 6.36 -19.97
N TYR B 37 -6.56 6.45 -20.43
CA TYR B 37 -7.70 6.78 -19.58
C TYR B 37 -7.91 5.73 -18.50
N ASN B 38 -7.83 4.46 -18.89
CA ASN B 38 -7.96 3.34 -17.94
C ASN B 38 -6.79 3.28 -16.96
N THR B 39 -5.58 3.52 -17.45
CA THR B 39 -4.39 3.58 -16.59
C THR B 39 -4.53 4.67 -15.52
N VAL B 40 -4.96 5.87 -15.91
CA VAL B 40 -5.20 6.96 -14.97
C VAL B 40 -6.15 6.53 -13.84
N CYS B 41 -7.27 5.91 -14.21
CA CYS B 41 -8.24 5.43 -13.21
C CYS B 41 -7.65 4.39 -12.28
N LYS B 42 -6.83 3.49 -12.83
CA LYS B 42 -6.18 2.45 -12.04
C LYS B 42 -5.12 3.02 -11.10
N GLU B 43 -4.33 3.97 -11.61
CA GLU B 43 -3.27 4.60 -10.81
C GLU B 43 -3.84 5.47 -9.68
N LEU B 44 -4.97 6.12 -9.94
CA LEU B 44 -5.65 6.89 -8.90
C LEU B 44 -6.13 5.98 -7.77
N LEU B 45 -6.63 4.80 -8.14
CA LEU B 45 -7.04 3.80 -7.16
C LEU B 45 -5.87 3.22 -6.37
N ARG B 46 -4.70 3.12 -7.02
CA ARG B 46 -3.49 2.70 -6.34
C ARG B 46 -3.16 3.68 -5.20
N SER B 47 -3.34 4.97 -5.48
CA SER B 47 -3.16 6.02 -4.48
C SER B 47 -4.16 5.92 -3.33
N ARG B 48 -5.42 5.65 -3.67
CA ARG B 48 -6.49 5.54 -2.68
C ARG B 48 -6.29 4.36 -1.73
N ARG B 49 -5.70 3.28 -2.24
CA ARG B 49 -5.35 2.12 -1.42
C ARG B 49 -4.28 2.47 -0.39
N LEU B 50 -3.28 3.23 -0.82
CA LEU B 50 -2.22 3.70 0.08
C LEU B 50 -2.82 4.63 1.13
N GLU B 51 -3.60 5.60 0.66
CA GLU B 51 -4.31 6.54 1.54
C GLU B 51 -5.15 5.82 2.60
N ASN B 52 -5.87 4.79 2.17
CA ASN B 52 -6.69 3.99 3.10
C ASN B 52 -5.85 3.25 4.13
N SER B 53 -4.73 2.69 3.68
CA SER B 53 -3.79 2.01 4.57
C SER B 53 -3.17 2.96 5.58
N ILE B 54 -2.98 4.21 5.18
CA ILE B 54 -2.45 5.24 6.07
C ILE B 54 -3.49 5.60 7.14
N ILE B 55 -4.75 5.75 6.72
CA ILE B 55 -5.85 6.04 7.66
C ILE B 55 -5.99 4.92 8.71
N GLU B 56 -5.86 3.68 8.27
CA GLU B 56 -5.92 2.52 9.18
C GLU B 56 -4.79 2.52 10.21
N GLN B 57 -3.58 2.85 9.76
CA GLN B 57 -2.42 2.92 10.64
C GLN B 57 -2.56 4.00 11.70
N LYS B 58 -2.97 5.18 11.27
CA LYS B 58 -3.12 6.32 12.17
C LYS B 58 -4.36 6.20 13.06
N GLY B 59 -5.34 5.43 12.59
CA GLY B 59 -6.58 5.19 13.34
C GLY B 59 -7.51 6.39 13.41
N THR B 60 -7.30 7.35 12.50
CA THR B 60 -8.09 8.59 12.46
C THR B 60 -9.47 8.36 11.84
N MET B 61 -10.40 9.26 12.14
CA MET B 61 -11.77 9.19 11.61
C MET B 61 -11.83 9.73 10.19
N ARG B 62 -12.54 9.02 9.31
CA ARG B 62 -12.69 9.40 7.91
C ARG B 62 -13.71 10.52 7.72
N VAL B 63 -13.23 11.68 7.29
CA VAL B 63 -14.08 12.83 6.98
C VAL B 63 -13.72 13.38 5.59
N TYR B 64 -14.65 13.26 4.66
CA TYR B 64 -14.44 13.64 3.26
C TYR B 64 -15.38 14.76 2.83
N ALA B 65 -14.90 15.59 1.90
CA ALA B 65 -15.69 16.69 1.35
C ALA B 65 -15.97 16.49 -0.14
N TYR B 66 -17.23 16.69 -0.52
CA TYR B 66 -17.69 16.54 -1.90
C TYR B 66 -18.28 17.87 -2.36
N VAL B 67 -17.53 18.57 -3.21
CA VAL B 67 -17.79 19.99 -3.48
C VAL B 67 -18.42 20.27 -4.85
N MET B 68 -19.62 20.84 -4.83
CA MET B 68 -20.27 21.37 -6.02
C MET B 68 -20.07 22.88 -6.02
N GLU B 69 -19.13 23.36 -6.83
CA GLU B 69 -18.78 24.79 -6.84
C GLU B 69 -19.45 25.58 -7.96
N GLN B 70 -20.71 25.25 -8.23
CA GLN B 70 -21.50 25.97 -9.24
C GLN B 70 -21.97 27.33 -8.70
N ASN B 71 -22.55 27.32 -7.50
CA ASN B 71 -23.02 28.54 -6.85
C ASN B 71 -22.53 28.69 -5.42
N LEU B 72 -21.21 28.85 -5.27
CA LEU B 72 -20.57 29.06 -3.97
C LEU B 72 -19.77 30.37 -3.96
N PRO B 73 -19.61 30.99 -2.77
CA PRO B 73 -18.87 32.26 -2.65
C PRO B 73 -17.41 32.16 -3.12
N GLU B 74 -16.88 33.29 -3.60
CA GLU B 74 -15.50 33.37 -4.08
C GLU B 74 -14.49 33.31 -2.92
N ASN B 75 -14.94 33.72 -1.74
CA ASN B 75 -14.12 33.70 -0.53
C ASN B 75 -13.65 32.29 -0.13
N LEU B 76 -14.51 31.30 -0.37
CA LEU B 76 -14.21 29.92 -0.01
C LEU B 76 -13.33 29.26 -1.07
N LEU B 77 -12.13 28.84 -0.66
CA LEU B 77 -11.13 28.27 -1.56
C LEU B 77 -10.91 26.77 -1.32
N PHE B 78 -10.84 26.00 -2.40
CA PHE B 78 -10.74 24.55 -2.32
C PHE B 78 -9.42 24.02 -2.87
N ASP B 79 -8.71 23.26 -2.02
CA ASP B 79 -7.48 22.59 -2.44
C ASP B 79 -7.76 21.09 -2.62
N TYR B 80 -8.05 20.70 -3.86
CA TYR B 80 -8.42 19.32 -4.17
C TYR B 80 -7.23 18.35 -4.12
N GLU B 81 -6.02 18.89 -4.08
CA GLU B 81 -4.81 18.07 -4.05
C GLU B 81 -4.31 17.81 -2.63
N ASN B 82 -4.64 18.71 -1.71
CA ASN B 82 -4.17 18.61 -0.32
C ASN B 82 -5.26 18.38 0.73
N GLY B 83 -6.52 18.36 0.27
CA GLY B 83 -7.67 18.11 1.15
C GLY B 83 -7.92 19.23 2.15
N VAL B 84 -7.97 20.46 1.64
CA VAL B 84 -8.13 21.65 2.48
C VAL B 84 -9.16 22.61 1.89
N ILE B 85 -10.02 23.14 2.78
CA ILE B 85 -10.96 24.21 2.42
C ILE B 85 -10.68 25.44 3.29
N THR B 86 -10.38 26.56 2.64
CA THR B 86 -10.05 27.80 3.33
C THR B 86 -11.14 28.85 3.14
N GLN B 87 -11.49 29.53 4.23
CA GLN B 87 -12.49 30.60 4.20
C GLN B 87 -11.94 31.87 3.53
N SER B 90 -10.73 36.37 6.55
CA SER B 90 -10.87 35.05 7.16
C SER B 90 -9.65 34.18 6.87
N GLU B 91 -9.11 33.59 7.92
CA GLU B 91 -7.90 32.76 7.82
C GLU B 91 -8.08 31.36 8.42
N HIS B 92 -9.30 30.83 8.37
CA HIS B 92 -9.59 29.52 8.91
C HIS B 92 -9.40 28.44 7.87
N VAL B 93 -8.74 27.36 8.29
CA VAL B 93 -8.41 26.25 7.41
C VAL B 93 -9.11 24.96 7.88
N TYR B 94 -9.95 24.40 7.00
CA TYR B 94 -10.70 23.18 7.32
C TYR B 94 -10.02 21.95 6.70
N LYS B 95 -9.66 21.01 7.56
CA LYS B 95 -8.93 19.81 7.14
C LYS B 95 -9.86 18.65 6.81
N PHE B 96 -9.49 17.90 5.76
CA PHE B 96 -10.24 16.74 5.30
C PHE B 96 -9.29 15.65 4.82
N ASN B 97 -9.75 14.41 4.84
CA ASN B 97 -8.99 13.29 4.28
C ASN B 97 -8.80 13.48 2.78
N ARG B 98 -9.86 13.90 2.12
CA ARG B 98 -9.83 14.28 0.71
C ARG B 98 -10.98 15.24 0.39
N VAL B 99 -10.67 16.29 -0.38
CA VAL B 99 -11.69 17.19 -0.90
C VAL B 99 -11.89 16.86 -2.38
N ILE B 100 -13.11 16.41 -2.69
CA ILE B 100 -13.44 15.85 -4.00
C ILE B 100 -14.22 16.86 -4.85
N PRO B 101 -13.74 17.12 -6.09
CA PRO B 101 -14.46 18.01 -7.01
C PRO B 101 -15.57 17.30 -7.78
N HIS B 102 -16.80 17.81 -7.63
CA HIS B 102 -17.96 17.24 -8.32
C HIS B 102 -17.90 17.43 -9.81
N LEU B 103 -17.19 18.48 -10.25
CA LEU B 103 -16.99 18.76 -11.67
C LEU B 103 -16.21 17.66 -12.38
N LYS B 104 -15.23 17.09 -11.67
CA LYS B 104 -14.39 16.03 -12.23
C LYS B 104 -14.85 14.63 -11.82
N VAL B 105 -15.53 14.54 -10.69
CA VAL B 105 -15.97 13.26 -10.14
C VAL B 105 -17.49 13.21 -9.97
N SER B 106 -18.13 12.30 -10.71
CA SER B 106 -19.57 12.10 -10.61
C SER B 106 -19.92 11.24 -9.39
N GLU B 107 -21.21 11.05 -9.15
CA GLU B 107 -21.67 10.23 -8.02
C GLU B 107 -21.31 8.76 -8.20
N ASP B 108 -21.34 8.29 -9.45
CA ASP B 108 -20.92 6.93 -9.79
C ASP B 108 -19.42 6.77 -9.62
N CYS B 109 -18.68 7.81 -10.02
CA CYS B 109 -17.23 7.84 -9.92
C CYS B 109 -16.79 7.95 -8.47
N PHE B 110 -17.55 8.67 -7.65
CA PHE B 110 -17.27 8.75 -6.21
C PHE B 110 -17.17 7.37 -5.58
N PHE B 111 -18.16 6.53 -5.86
CA PHE B 111 -18.21 5.19 -5.27
C PHE B 111 -17.14 4.24 -5.80
N THR B 112 -16.84 4.30 -7.10
CA THR B 112 -15.83 3.41 -7.69
C THR B 112 -14.41 3.88 -7.38
N GLN B 113 -14.18 5.19 -7.45
CA GLN B 113 -12.84 5.75 -7.31
C GLN B 113 -12.47 6.14 -5.88
N GLU B 114 -13.41 6.76 -5.17
CA GLU B 114 -13.12 7.38 -3.87
C GLU B 114 -13.62 6.58 -2.68
N TYR B 115 -14.53 5.64 -2.92
CA TYR B 115 -15.21 4.93 -1.85
C TYR B 115 -14.95 3.42 -1.80
N SER B 116 -14.77 2.81 -2.98
CA SER B 116 -14.68 1.35 -3.09
C SER B 116 -13.58 0.70 -2.25
N VAL B 117 -12.44 1.39 -2.09
CA VAL B 117 -11.35 0.87 -1.27
C VAL B 117 -11.82 0.69 0.18
N TYR B 118 -12.44 1.73 0.74
CA TYR B 118 -13.02 1.69 2.08
C TYR B 118 -14.07 0.59 2.19
N HIS B 119 -14.93 0.51 1.18
CA HIS B 119 -16.03 -0.46 1.15
C HIS B 119 -15.53 -1.88 1.14
N ASP B 120 -14.59 -2.17 0.25
CA ASP B 120 -14.01 -3.51 0.13
C ASP B 120 -13.28 -3.93 1.39
N MET B 121 -12.59 -2.98 2.03
CA MET B 121 -11.86 -3.25 3.25
C MET B 121 -12.79 -3.75 4.34
N ALA B 122 -13.76 -2.91 4.71
CA ALA B 122 -14.72 -3.20 5.76
C ALA B 122 -15.49 -4.51 5.52
N LEU B 123 -15.88 -4.72 4.27
CA LEU B 123 -16.63 -5.90 3.86
C LEU B 123 -15.78 -7.18 3.94
N ASN B 124 -14.51 -7.08 3.57
CA ASN B 124 -13.61 -8.24 3.57
C ASN B 124 -13.16 -8.68 4.96
N GLN B 125 -12.94 -7.72 5.85
CA GLN B 125 -12.59 -8.05 7.25
C GLN B 125 -13.83 -8.18 8.14
N LYS B 126 -14.99 -8.36 7.50
CA LYS B 126 -16.27 -8.61 8.15
C LYS B 126 -16.63 -7.59 9.24
N LYS B 127 -16.15 -6.36 9.06
CA LYS B 127 -16.44 -5.27 10.00
C LYS B 127 -17.69 -4.53 9.57
N ASN B 128 -18.66 -4.45 10.49
CA ASN B 128 -19.86 -3.66 10.28
C ASN B 128 -19.48 -2.18 10.13
N PHE B 129 -20.01 -1.55 9.09
CA PHE B 129 -19.59 -0.20 8.74
C PHE B 129 -20.73 0.68 8.25
N ASN B 130 -20.44 1.95 8.04
CA ASN B 130 -21.46 2.92 7.63
C ASN B 130 -20.94 4.02 6.73
N LEU B 131 -21.87 4.72 6.09
CA LEU B 131 -21.60 5.96 5.38
C LEU B 131 -22.58 7.02 5.87
N ILE B 132 -22.06 8.04 6.54
CA ILE B 132 -22.89 9.13 7.04
C ILE B 132 -22.72 10.35 6.14
N SER B 133 -23.75 10.64 5.36
CA SER B 133 -23.73 11.74 4.40
C SER B 133 -24.46 12.96 4.94
N LEU B 134 -23.78 14.10 4.91
CA LEU B 134 -24.34 15.35 5.41
C LEU B 134 -24.49 16.38 4.29
N SER B 135 -25.69 16.95 4.18
CA SER B 135 -26.00 17.93 3.15
C SER B 135 -27.08 18.92 3.63
N THR B 136 -27.05 20.13 3.06
CA THR B 136 -28.03 21.17 3.40
C THR B 136 -29.12 21.31 2.33
N THR B 137 -28.96 20.57 1.24
CA THR B 137 -29.94 20.53 0.16
C THR B 137 -30.25 19.06 -0.17
N PRO B 138 -31.55 18.68 -0.17
CA PRO B 138 -31.96 17.32 -0.51
C PRO B 138 -31.62 16.94 -1.95
N HIS B 139 -30.85 15.86 -2.10
CA HIS B 139 -30.41 15.38 -3.40
C HIS B 139 -30.23 13.89 -3.36
N GLY B 140 -30.95 13.18 -4.21
CA GLY B 140 -31.00 11.72 -4.15
C GLY B 140 -30.16 10.94 -5.14
N SER B 141 -29.35 11.64 -5.95
CA SER B 141 -28.51 11.00 -6.95
C SER B 141 -27.32 10.25 -6.35
N LEU B 142 -26.95 10.63 -5.13
CA LEU B 142 -25.90 9.94 -4.39
C LEU B 142 -26.39 8.60 -3.84
N ARG B 143 -27.58 8.61 -3.25
CA ARG B 143 -28.24 7.40 -2.76
C ARG B 143 -28.52 6.45 -3.93
N GLU B 144 -28.89 7.04 -5.07
CA GLU B 144 -29.14 6.32 -6.31
C GLU B 144 -27.89 5.56 -6.75
N SER B 145 -26.76 6.27 -6.83
CA SER B 145 -25.49 5.69 -7.22
C SER B 145 -25.01 4.59 -6.29
N LEU B 146 -25.32 4.73 -4.99
CA LEU B 146 -24.95 3.74 -3.98
C LEU B 146 -25.55 2.37 -4.30
N ILE B 147 -26.84 2.36 -4.65
CA ILE B 147 -27.55 1.12 -4.97
C ILE B 147 -26.99 0.48 -6.23
N LYS B 148 -26.75 1.30 -7.25
CA LYS B 148 -26.14 0.85 -8.50
C LYS B 148 -24.77 0.21 -8.25
N PHE B 149 -23.96 0.87 -7.42
CA PHE B 149 -22.64 0.39 -7.04
C PHE B 149 -22.71 -0.93 -6.27
N LEU B 150 -23.64 -1.03 -5.33
CA LEU B 150 -23.75 -2.20 -4.47
C LEU B 150 -24.47 -3.37 -5.14
N ALA B 151 -25.73 -3.16 -5.51
CA ALA B 151 -26.65 -4.26 -5.77
C ALA B 151 -27.27 -4.34 -7.17
N GLU B 152 -26.55 -3.86 -8.18
CA GLU B 152 -26.95 -4.13 -9.57
C GLU B 152 -26.66 -5.59 -9.91
N LYS B 153 -27.36 -6.09 -10.93
CA LYS B 153 -27.27 -7.49 -11.35
C LYS B 153 -25.84 -8.02 -11.47
N ASP B 154 -24.98 -7.25 -12.11
CA ASP B 154 -23.64 -7.73 -12.50
C ASP B 154 -22.48 -7.33 -11.59
N THR B 155 -22.77 -6.75 -10.43
CA THR B 155 -21.69 -6.33 -9.51
C THR B 155 -21.02 -7.55 -8.85
N ILE B 156 -19.78 -7.36 -8.42
CA ILE B 156 -19.03 -8.40 -7.71
C ILE B 156 -19.65 -8.71 -6.35
N TYR B 157 -20.36 -7.73 -5.80
CA TYR B 157 -21.01 -7.86 -4.50
C TYR B 157 -22.28 -8.70 -4.62
N GLN B 158 -22.95 -8.61 -5.76
CA GLN B 158 -24.12 -9.44 -6.05
C GLN B 158 -23.68 -10.87 -6.37
N LYS B 159 -22.44 -11.02 -6.85
CA LYS B 159 -21.88 -12.32 -7.24
C LYS B 159 -21.55 -13.21 -6.05
N GLN B 160 -21.00 -12.63 -4.99
CA GLN B 160 -20.56 -13.40 -3.82
C GLN B 160 -21.40 -13.16 -2.54
N TYR B 161 -22.30 -12.18 -2.59
CA TYR B 161 -23.22 -11.92 -1.48
C TYR B 161 -24.67 -11.85 -1.94
N VAL B 162 -25.57 -12.31 -1.07
CA VAL B 162 -27.00 -12.02 -1.20
C VAL B 162 -27.23 -10.68 -0.50
N ILE B 163 -27.83 -9.74 -1.21
CA ILE B 163 -27.96 -8.37 -0.72
C ILE B 163 -29.41 -8.03 -0.33
N THR B 164 -29.58 -7.49 0.88
CA THR B 164 -30.89 -7.12 1.40
C THR B 164 -30.89 -5.65 1.85
N LEU B 165 -32.05 -5.01 1.77
CA LEU B 165 -32.19 -3.59 2.10
C LEU B 165 -33.40 -3.26 2.96
N GLN B 166 -33.21 -2.37 3.93
CA GLN B 166 -34.29 -1.78 4.70
C GLN B 166 -34.13 -0.26 4.71
N PHE B 167 -35.18 0.45 4.29
CA PHE B 167 -35.16 1.91 4.23
C PHE B 167 -36.26 2.52 5.09
N VAL B 168 -35.85 3.19 6.18
CA VAL B 168 -36.76 3.88 7.10
C VAL B 168 -36.32 5.33 7.31
N PHE B 169 -37.24 6.14 7.82
CA PHE B 169 -36.96 7.54 8.13
C PHE B 169 -37.37 7.87 9.57
N LEU B 170 -36.41 8.27 10.38
CA LEU B 170 -36.68 8.67 11.76
C LEU B 170 -36.80 10.19 11.87
N SER B 171 -37.84 10.63 12.57
CA SER B 171 -38.09 12.05 12.80
C SER B 171 -38.31 12.35 14.28
N ASP B 172 -37.85 13.51 14.71
CA ASP B 172 -38.02 13.95 16.09
C ASP B 172 -39.22 14.88 16.21
N ASP B 173 -40.26 14.48 16.94
CA ASP B 173 -40.32 13.21 17.67
C ASP B 173 -41.75 12.68 17.69
N GLU B 174 -41.95 11.36 17.71
CA GLU B 174 -40.87 10.35 17.71
C GLU B 174 -40.90 9.52 16.43
N PHE B 175 -42.09 9.36 15.84
CA PHE B 175 -42.28 8.58 14.63
C PHE B 175 -42.17 9.46 13.38
N SER B 176 -41.52 9.01 12.31
CA SER B 176 -40.91 7.67 12.12
C SER B 176 -41.79 6.71 11.33
N GLN B 177 -41.34 6.33 10.13
CA GLN B 177 -42.09 5.47 9.21
C GLN B 177 -41.19 4.70 8.24
N ASP B 178 -41.79 3.75 7.52
CA ASP B 178 -41.10 2.97 6.50
C ASP B 178 -41.12 3.70 5.16
N MET B 179 -39.99 3.68 4.45
CA MET B 179 -39.85 4.37 3.17
C MET B 179 -39.99 3.46 1.95
N LEU B 180 -40.25 2.18 2.18
CA LEU B 180 -40.35 1.19 1.10
C LEU B 180 -41.80 0.91 0.67
N LEU B 181 -42.73 0.98 1.63
CA LEU B 181 -44.14 0.67 1.37
C LEU B 181 -44.96 1.90 0.96
N ASP B 182 -46.13 1.63 0.36
CA ASP B 182 -47.08 2.68 -0.06
C ASP B 182 -46.45 3.77 -0.93
N LEU B 193 -37.15 -1.27 16.80
CA LEU B 193 -35.71 -1.41 16.62
C LEU B 193 -35.01 -1.84 17.90
N LYS B 194 -34.17 -2.87 17.80
CA LYS B 194 -33.45 -3.43 18.94
C LYS B 194 -31.94 -3.40 18.73
N PHE B 195 -31.21 -3.12 19.79
CA PHE B 195 -29.75 -3.03 19.76
C PHE B 195 -29.12 -4.29 20.34
N GLU B 196 -28.86 -5.26 19.47
CA GLU B 196 -28.31 -6.55 19.89
C GLU B 196 -26.81 -6.64 19.61
N LYS B 197 -26.07 -7.13 20.60
CA LYS B 197 -24.60 -7.32 20.52
C LYS B 197 -23.87 -6.02 20.15
N HIS B 198 -23.61 -5.85 18.85
CA HIS B 198 -22.91 -4.67 18.33
C HIS B 198 -23.45 -4.25 16.98
N SER B 199 -24.74 -4.54 16.75
CA SER B 199 -25.42 -4.18 15.51
C SER B 199 -26.86 -3.76 15.75
N ILE B 200 -27.40 -2.93 14.87
CA ILE B 200 -28.78 -2.44 14.99
C ILE B 200 -29.75 -3.30 14.18
N SER B 201 -30.64 -4.00 14.88
CA SER B 201 -31.69 -4.78 14.24
C SER B 201 -32.95 -3.93 14.08
N LEU B 202 -33.65 -4.12 12.98
CA LEU B 202 -34.86 -3.37 12.68
C LEU B 202 -36.04 -4.28 12.33
N ASP B 203 -37.22 -3.93 12.85
CA ASP B 203 -38.45 -4.65 12.57
C ASP B 203 -39.23 -3.91 11.47
N SER B 204 -38.73 -4.02 10.24
CA SER B 204 -39.32 -3.32 9.09
C SER B 204 -39.38 -4.24 7.87
N LYS B 205 -39.79 -3.68 6.74
CA LYS B 205 -39.87 -4.41 5.47
C LYS B 205 -38.48 -4.80 4.96
N LEU B 206 -38.31 -6.09 4.69
CA LEU B 206 -37.04 -6.65 4.25
C LEU B 206 -37.11 -7.00 2.76
N VAL B 207 -36.33 -6.30 1.94
CA VAL B 207 -36.37 -6.48 0.48
C VAL B 207 -35.03 -6.97 -0.06
N ILE B 208 -35.04 -8.11 -0.75
CA ILE B 208 -33.85 -8.67 -1.39
C ILE B 208 -33.66 -8.04 -2.78
N ILE B 209 -32.49 -7.45 -3.00
CA ILE B 209 -32.16 -6.83 -4.28
C ILE B 209 -31.38 -7.78 -5.17
N GLU B 210 -31.78 -7.86 -6.44
CA GLU B 210 -31.12 -8.70 -7.43
C GLU B 210 -30.88 -7.95 -8.74
N ASN B 211 -31.68 -6.90 -8.97
CA ASN B 211 -31.62 -6.14 -10.23
C ASN B 211 -31.49 -4.62 -10.06
N GLY B 212 -31.05 -4.20 -8.87
CA GLY B 212 -30.78 -2.78 -8.61
C GLY B 212 -32.00 -1.98 -8.19
N LEU B 213 -32.17 -0.83 -8.82
CA LEU B 213 -33.25 0.11 -8.50
C LEU B 213 -34.63 -0.38 -8.94
N GLU B 214 -34.66 -1.42 -9.78
CA GLU B 214 -35.90 -2.04 -10.25
C GLU B 214 -36.67 -2.72 -9.11
N ASP B 215 -35.94 -3.24 -8.13
CA ASP B 215 -36.53 -3.92 -6.98
C ASP B 215 -36.99 -2.93 -5.91
N LEU B 216 -36.62 -1.67 -6.08
CA LEU B 216 -37.02 -0.60 -5.17
C LEU B 216 -38.13 0.25 -5.79
N PRO B 217 -38.95 0.91 -4.95
CA PRO B 217 -40.06 1.75 -5.45
C PRO B 217 -39.59 2.95 -6.28
N LEU B 218 -40.52 3.56 -7.01
CA LEU B 218 -40.22 4.71 -7.88
C LEU B 218 -39.83 5.95 -7.07
N ASN B 219 -40.23 5.97 -5.79
CA ASN B 219 -39.94 7.09 -4.90
C ASN B 219 -38.62 6.95 -4.14
N PHE B 220 -37.82 5.94 -4.51
CA PHE B 220 -36.55 5.68 -3.84
C PHE B 220 -35.49 6.75 -4.13
N SER B 221 -35.24 7.01 -5.41
CA SER B 221 -34.24 7.98 -5.83
C SER B 221 -34.81 9.39 -5.93
N ALA B 222 -36.04 9.57 -5.43
CA ALA B 222 -36.77 10.84 -5.52
C ALA B 222 -36.14 11.95 -4.68
N ASP B 223 -36.64 13.17 -4.89
CA ASP B 223 -36.17 14.38 -4.20
C ASP B 223 -34.70 14.70 -4.49
N GLU B 224 -34.37 14.79 -5.78
CA GLU B 224 -33.02 15.12 -6.24
C GLU B 224 -32.83 16.63 -6.33
N MET B 233 -34.06 11.97 9.85
CA MET B 233 -32.86 11.26 9.42
C MET B 233 -33.21 9.95 8.72
N GLY B 234 -32.80 9.85 7.45
CA GLY B 234 -33.02 8.65 6.64
C GLY B 234 -31.95 7.61 6.89
N ILE B 235 -32.37 6.37 7.15
CA ILE B 235 -31.45 5.27 7.40
C ILE B 235 -31.70 4.13 6.41
N ILE B 236 -30.64 3.76 5.69
CA ILE B 236 -30.67 2.56 4.85
C ILE B 236 -29.75 1.51 5.47
N LYS B 237 -30.32 0.36 5.81
CA LYS B 237 -29.54 -0.77 6.31
C LYS B 237 -29.39 -1.84 5.22
N VAL B 238 -28.13 -2.17 4.92
CA VAL B 238 -27.81 -3.17 3.90
C VAL B 238 -27.09 -4.35 4.54
N GLN B 239 -27.55 -5.56 4.23
CA GLN B 239 -26.97 -6.79 4.77
C GLN B 239 -26.30 -7.61 3.67
N PHE B 240 -25.12 -8.15 3.98
CA PHE B 240 -24.37 -8.97 3.03
C PHE B 240 -24.23 -10.42 3.51
N PHE B 241 -25.00 -11.31 2.89
CA PHE B 241 -24.98 -12.73 3.21
C PHE B 241 -24.04 -13.47 2.25
N PRO B 242 -22.91 -13.99 2.76
CA PRO B 242 -21.94 -14.67 1.88
C PRO B 242 -22.46 -16.00 1.33
N ARG B 243 -22.23 -16.23 0.03
CA ARG B 243 -22.58 -17.49 -0.62
C ARG B 243 -21.41 -18.46 -0.51
N ASP B 244 -21.68 -19.73 -0.78
CA ASP B 244 -20.64 -20.77 -0.74
C ASP B 244 -20.59 -21.56 -2.05
N PRO B 253 -22.10 -17.19 7.05
CA PRO B 253 -23.27 -17.38 7.90
C PRO B 253 -23.71 -16.10 8.60
N VAL B 254 -22.75 -15.33 9.11
CA VAL B 254 -23.02 -14.07 9.80
C VAL B 254 -23.03 -12.91 8.79
N PRO B 255 -24.16 -12.19 8.69
CA PRO B 255 -24.30 -11.08 7.74
C PRO B 255 -23.51 -9.84 8.13
N VAL B 256 -22.81 -9.25 7.16
CA VAL B 256 -22.10 -7.99 7.36
C VAL B 256 -23.10 -6.84 7.17
N ASP B 257 -23.10 -5.90 8.11
CA ASP B 257 -24.05 -4.80 8.10
C ASP B 257 -23.45 -3.48 7.60
N PHE B 258 -24.17 -2.85 6.69
CA PHE B 258 -23.83 -1.50 6.24
C PHE B 258 -24.99 -0.55 6.53
N TYR B 259 -24.66 0.65 6.98
CA TYR B 259 -25.66 1.65 7.32
C TYR B 259 -25.42 2.94 6.55
N PHE B 260 -26.46 3.43 5.89
CA PHE B 260 -26.35 4.65 5.09
C PHE B 260 -27.26 5.75 5.65
N ILE B 261 -26.64 6.71 6.34
CA ILE B 261 -27.36 7.80 6.99
C ILE B 261 -27.31 9.08 6.16
N GLU B 262 -28.47 9.72 6.00
CA GLU B 262 -28.55 11.01 5.33
C GLU B 262 -29.21 12.09 6.18
N LEU B 263 -28.62 13.28 6.14
CA LEU B 263 -29.21 14.48 6.72
C LEU B 263 -29.44 15.48 5.60
N ASN B 264 -30.70 15.72 5.27
CA ASN B 264 -31.09 16.45 4.07
C ASN B 264 -30.95 17.96 4.13
N ASN B 265 -31.16 18.53 5.32
CA ASN B 265 -31.25 19.99 5.48
C ASN B 265 -30.61 20.52 6.77
N LEU B 266 -30.74 21.82 6.98
CA LEU B 266 -30.16 22.51 8.14
C LEU B 266 -30.68 21.98 9.48
N LYS B 267 -31.99 21.77 9.58
CA LYS B 267 -32.63 21.28 10.80
C LYS B 267 -32.14 19.89 11.20
N SER B 268 -31.97 19.02 10.21
CA SER B 268 -31.51 17.65 10.44
C SER B 268 -30.09 17.58 11.00
N ILE B 269 -29.21 18.44 10.49
CA ILE B 269 -27.81 18.47 10.93
C ILE B 269 -27.67 19.15 12.30
N GLU B 270 -28.60 20.05 12.62
CA GLU B 270 -28.62 20.70 13.94
C GLU B 270 -28.89 19.70 15.06
N GLN B 271 -29.75 18.72 14.78
CA GLN B 271 -30.06 17.65 15.72
C GLN B 271 -28.89 16.67 15.87
N PHE B 272 -28.07 16.58 14.82
CA PHE B 272 -26.86 15.76 14.83
C PHE B 272 -25.80 16.31 15.79
N ASP B 273 -25.77 17.63 15.95
CA ASP B 273 -24.85 18.29 16.87
C ASP B 273 -25.13 17.85 18.30
N LYS B 274 -26.28 18.26 18.85
CA LYS B 274 -26.78 17.80 20.15
C LYS B 274 -25.70 17.73 21.25
N SER B 275 -25.23 18.90 21.68
CA SER B 275 -24.19 19.01 22.72
C SER B 275 -23.14 17.91 22.65
N ILE B 276 -22.44 17.86 21.51
CA ILE B 276 -21.44 16.81 21.21
C ILE B 276 -22.06 15.41 21.24
N SER B 281 -27.25 15.80 25.36
CA SER B 281 -28.34 16.73 25.61
C SER B 281 -29.68 16.01 25.74
N ALA B 282 -29.90 15.00 24.89
CA ALA B 282 -31.15 14.24 24.89
C ALA B 282 -30.91 12.76 24.59
N GLU B 283 -32.01 12.00 24.48
CA GLU B 283 -31.93 10.59 24.11
C GLU B 283 -32.98 10.24 23.04
N THR B 284 -33.03 11.07 21.99
CA THR B 284 -33.90 10.84 20.83
C THR B 284 -33.43 9.61 20.05
N PRO B 285 -34.38 8.81 19.51
CA PRO B 285 -34.06 7.64 18.68
C PRO B 285 -33.11 7.95 17.50
N ILE B 286 -33.13 9.20 17.04
CA ILE B 286 -32.19 9.66 16.01
C ILE B 286 -30.76 9.63 16.54
N ALA B 287 -30.55 10.22 17.72
CA ALA B 287 -29.23 10.25 18.35
C ALA B 287 -28.83 8.90 18.94
N LEU B 288 -29.83 8.08 19.27
CA LEU B 288 -29.60 6.77 19.86
C LEU B 288 -28.90 5.80 18.90
N VAL B 289 -29.22 5.90 17.61
CA VAL B 289 -28.58 5.08 16.58
C VAL B 289 -27.27 5.71 16.08
N LEU B 290 -27.19 7.05 16.12
CA LEU B 290 -25.98 7.77 15.76
C LEU B 290 -24.82 7.44 16.69
N LYS B 291 -25.09 7.50 18.01
CA LYS B 291 -24.10 7.16 19.03
C LYS B 291 -23.67 5.70 18.93
N LYS B 292 -24.62 4.82 18.58
CA LYS B 292 -24.36 3.39 18.43
C LYS B 292 -23.40 3.12 17.27
N LEU B 293 -23.67 3.73 16.12
CA LEU B 293 -22.84 3.52 14.92
C LEU B 293 -21.45 4.14 15.06
N ILE B 294 -21.39 5.35 15.60
CA ILE B 294 -20.13 6.07 15.79
C ILE B 294 -19.19 5.35 16.76
N SER B 295 -19.75 4.64 17.73
CA SER B 295 -18.95 3.92 18.73
C SER B 295 -18.70 2.44 18.38
N ASP B 296 -19.68 1.81 17.73
CA ASP B 296 -19.62 0.36 17.49
C ASP B 296 -19.27 -0.07 16.05
N THR B 297 -19.43 0.83 15.09
CA THR B 297 -19.12 0.53 13.68
C THR B 297 -18.05 1.44 13.08
N LYS B 298 -17.51 1.03 11.93
CA LYS B 298 -16.59 1.86 11.14
C LYS B 298 -17.38 3.00 10.48
N SER B 299 -16.92 4.23 10.67
CA SER B 299 -17.64 5.39 10.16
C SER B 299 -16.94 6.05 8.98
N PHE B 300 -17.75 6.60 8.07
CA PHE B 300 -17.26 7.35 6.93
C PHE B 300 -18.13 8.59 6.81
N PHE B 301 -17.56 9.74 7.13
CA PHE B 301 -18.29 11.00 7.08
C PHE B 301 -18.07 11.71 5.75
N LEU B 302 -19.17 12.10 5.11
CA LEU B 302 -19.13 12.82 3.85
C LEU B 302 -19.91 14.13 3.95
N LEU B 303 -19.27 15.22 3.55
CA LEU B 303 -19.91 16.53 3.50
C LEU B 303 -20.23 16.93 2.06
N ASN B 304 -21.52 17.06 1.77
CA ASN B 304 -21.98 17.52 0.47
C ASN B 304 -22.23 19.02 0.49
N LEU B 305 -21.29 19.78 -0.05
CA LEU B 305 -21.38 21.24 -0.08
C LEU B 305 -22.08 21.68 -1.36
N ASN B 306 -23.27 22.27 -1.21
CA ASN B 306 -24.09 22.66 -2.35
C ASN B 306 -24.47 24.14 -2.34
N ASP B 307 -25.40 24.51 -1.45
CA ASP B 307 -25.91 25.88 -1.38
C ASP B 307 -24.89 26.83 -0.75
N SER B 308 -24.96 28.10 -1.17
CA SER B 308 -24.03 29.13 -0.69
C SER B 308 -24.43 29.67 0.69
N LYS B 309 -25.69 29.46 1.08
CA LYS B 309 -26.24 30.03 2.31
C LYS B 309 -25.77 29.30 3.57
N ASN B 310 -25.64 27.97 3.48
CA ASN B 310 -25.36 27.15 4.65
C ASN B 310 -24.07 26.31 4.55
N VAL B 311 -23.01 26.91 4.01
CA VAL B 311 -21.73 26.22 3.87
C VAL B 311 -20.97 26.19 5.19
N ASN B 312 -20.97 27.33 5.89
CA ASN B 312 -20.22 27.50 7.12
C ASN B 312 -20.61 26.56 8.26
N LYS B 313 -21.90 26.20 8.31
CA LYS B 313 -22.42 25.29 9.33
C LYS B 313 -21.96 23.85 9.11
N LEU B 314 -21.91 23.43 7.84
CA LEU B 314 -21.39 22.11 7.47
C LEU B 314 -19.91 21.98 7.81
N LEU B 315 -19.14 23.03 7.49
CA LEU B 315 -17.70 23.09 7.73
C LEU B 315 -17.33 23.02 9.21
N THR B 316 -18.14 23.67 10.05
CA THR B 316 -17.91 23.69 11.50
C THR B 316 -18.08 22.31 12.13
N ILE B 317 -19.13 21.60 11.70
CA ILE B 317 -19.45 20.28 12.25
C ILE B 317 -18.42 19.21 11.83
N SER B 318 -17.88 19.36 10.62
CA SER B 318 -16.78 18.47 10.17
C SER B 318 -15.54 18.62 11.05
N GLU B 319 -15.31 19.85 11.51
CA GLU B 319 -14.24 20.14 12.46
C GLU B 319 -14.56 19.54 13.83
N GLU B 320 -15.85 19.56 14.19
CA GLU B 320 -16.32 19.02 15.45
C GLU B 320 -16.30 17.49 15.50
N VAL B 321 -16.48 16.85 14.35
CA VAL B 321 -16.48 15.39 14.24
C VAL B 321 -15.09 14.80 14.49
N GLN B 322 -14.06 15.44 13.93
CA GLN B 322 -12.68 14.97 14.04
C GLN B 322 -12.09 15.15 15.45
N THR B 323 -12.50 16.21 16.14
CA THR B 323 -11.97 16.53 17.47
C THR B 323 -12.66 15.78 18.61
N GLN B 324 -13.90 15.33 18.38
CA GLN B 324 -14.67 14.63 19.40
C GLN B 324 -14.79 13.14 19.13
PB ADP C . 21.20 -21.45 5.85
O1B ADP C . 20.54 -20.67 6.96
O2B ADP C . 21.51 -20.65 4.61
O3B ADP C . 22.32 -22.34 6.32
PA ADP C . 19.76 -23.00 3.91
O1A ADP C . 19.12 -21.92 3.07
O2A ADP C . 21.01 -23.69 3.42
O3A ADP C . 20.03 -22.45 5.40
O5' ADP C . 18.63 -24.10 4.22
C5' ADP C . 18.93 -25.38 4.80
C4' ADP C . 18.01 -26.44 4.20
O4' ADP C . 16.65 -26.13 4.49
C3' ADP C . 18.11 -26.50 2.67
O3' ADP C . 17.98 -27.85 2.24
C2' ADP C . 16.92 -25.71 2.18
O2' ADP C . 16.47 -26.19 0.91
C1' ADP C . 15.90 -25.94 3.28
N9 ADP C . 15.00 -24.77 3.49
C8 ADP C . 15.33 -23.63 4.12
N7 ADP C . 14.28 -22.77 4.15
C5 ADP C . 13.25 -23.38 3.54
C6 ADP C . 11.85 -23.04 3.22
N6 ADP C . 11.33 -21.84 3.59
N1 ADP C . 11.11 -23.96 2.57
C2 ADP C . 11.60 -25.15 2.20
N3 ADP C . 12.87 -25.53 2.45
C4 ADP C . 13.72 -24.71 3.11
MG MG D . 23.46 -20.36 3.86
C1 GOL E . 4.82 -25.87 14.92
O1 GOL E . 4.65 -25.91 16.34
C2 GOL E . 4.98 -24.42 14.49
O2 GOL E . 5.71 -24.37 13.25
C3 GOL E . 3.60 -23.82 14.29
O3 GOL E . 3.61 -22.49 14.79
C1 GOL F . 28.63 -0.15 0.49
O1 GOL F . 27.68 0.42 1.40
C2 GOL F . 28.30 0.25 -0.93
O2 GOL F . 29.54 0.52 -1.59
C3 GOL F . 27.43 1.50 -0.93
O3 GOL F . 26.24 1.27 -1.67
C1 GOL G . 24.35 3.64 1.54
O1 GOL G . 24.96 2.37 1.79
C2 GOL G . 24.60 4.05 0.10
O2 GOL G . 24.41 5.45 0.00
C3 GOL G . 26.03 3.70 -0.31
O3 GOL G . 26.31 4.26 -1.58
C1 GOL H . 21.44 9.02 3.74
O1 GOL H . 21.38 7.88 4.60
C2 GOL H . 20.69 8.80 2.44
O2 GOL H . 19.55 9.66 2.41
C3 GOL H . 21.58 9.14 1.26
O3 GOL H . 22.32 7.98 0.83
C1 GOL I . 2.38 -5.08 2.16
O1 GOL I . 2.25 -4.02 1.19
C2 GOL I . 1.00 -5.53 2.62
O2 GOL I . 0.74 -6.86 2.14
C3 GOL I . 0.96 -5.54 4.14
O3 GOL I . -0.34 -5.92 4.61
O10 EBC J . -13.11 4.51 -14.07
C2 EBC J . -12.96 5.09 -15.14
C1 EBC J . -11.63 5.11 -15.84
N3 EBC J . -13.94 5.74 -15.77
C4 EBC J . -15.32 5.70 -15.34
C5 EBC J . -15.77 7.04 -14.75
N6 EBC J . -15.15 7.30 -13.46
C7 EBC J . -14.14 8.15 -13.33
O9 EBC J . -13.02 7.92 -13.77
C8 EBC J . -14.43 9.42 -12.58
C1 GOL K . -39.45 18.38 8.36
O1 GOL K . -39.57 17.13 7.68
C2 GOL K . -38.01 18.62 8.80
O2 GOL K . -37.43 17.39 9.27
C3 GOL K . -37.19 19.17 7.64
O3 GOL K . -37.28 20.59 7.62
#